data_3HA1
#
_entry.id   3HA1
#
_cell.length_a   49.624
_cell.length_b   141.271
_cell.length_c   60.124
_cell.angle_alpha   90.000
_cell.angle_beta   103.110
_cell.angle_gamma   90.000
#
_symmetry.space_group_name_H-M   'P 1 21 1'
#
loop_
_entity.id
_entity.type
_entity.pdbx_description
1 polymer 'Alanine racemase'
2 non-polymer 'ACETATE ION'
3 non-polymer 'CHLORIDE ION'
4 water water
#
_entity_poly.entity_id   1
_entity_poly.type   'polypeptide(L)'
_entity_poly.pdbx_seq_one_letter_code
;MEEAPFYRDTWVEVDLDAIYNNVTHIKEFIPSDVEIFAVV(LLP)GNAYGHDYVPVAKIALEAGATRLAVAFLDEALVLR
RAGITAPILVLGPSPPRDINVAAENDVALTVFQKEWVDEAIKLWDGSSTMKYHINFDSGMGRIGIRERKELKGFLKSLEG
APFLELEGVYTHFATADEVETSYFDKQYNTFLEQLSWLKEFGVDPKFVHTANSAATLRFQGITFNAVRIGIAMYGLSPSV
EIRPFLPFKLEPALSLHTKVAHIKQVIKGDGISYNVTYRTKTEEWIATVAIGYADGWLRRLQGFEVLVNGKRVPIVGRVT
MDQFMIHLPCEVPLGTKVTLIGRQGDEYISATEVAEYSGTINYEIITTISFRVPRIFIRNGKVVEVINYLNDILEENLYF
Q
;
_entity_poly.pdbx_strand_id   A,B
#
# COMPACT_ATOMS: atom_id res chain seq x y z
N ALA A 4 21.65 7.13 0.16
CA ALA A 4 20.58 6.42 -0.62
C ALA A 4 19.62 7.40 -1.34
N PRO A 5 19.54 7.31 -2.67
CA PRO A 5 18.90 8.43 -3.35
C PRO A 5 17.39 8.25 -3.49
N PHE A 6 16.67 9.35 -3.59
CA PHE A 6 15.30 9.35 -4.06
C PHE A 6 15.03 10.62 -4.85
N TYR A 7 14.14 10.51 -5.83
CA TYR A 7 14.06 11.51 -6.91
C TYR A 7 12.64 12.07 -7.06
N ARG A 8 11.86 12.02 -5.99
CA ARG A 8 10.60 12.77 -5.94
C ARG A 8 10.57 13.36 -4.55
N ASP A 9 10.11 14.60 -4.40
CA ASP A 9 10.19 15.24 -3.08
C ASP A 9 9.02 14.89 -2.17
N THR A 10 8.83 13.59 -1.89
CA THR A 10 7.74 13.11 -1.05
C THR A 10 8.41 12.06 -0.17
N TRP A 11 8.26 12.16 1.15
CA TRP A 11 8.97 11.27 2.05
C TRP A 11 8.28 11.11 3.39
N VAL A 12 8.52 9.97 4.03
CA VAL A 12 8.19 9.76 5.41
C VAL A 12 9.40 10.11 6.25
N GLU A 13 9.16 10.77 7.37
CA GLU A 13 10.22 10.97 8.32
C GLU A 13 9.97 10.15 9.59
N VAL A 14 10.93 9.31 9.96
CA VAL A 14 10.77 8.45 11.15
C VAL A 14 11.75 8.91 12.20
N ASP A 15 11.24 9.31 13.36
CA ASP A 15 12.15 9.86 14.38
C ASP A 15 12.48 8.67 15.27
N LEU A 16 13.67 8.15 15.11
CA LEU A 16 14.10 7.01 15.92
C LEU A 16 14.21 7.33 17.42
N ASP A 17 14.45 8.59 17.77
CA ASP A 17 14.46 8.97 19.19
C ASP A 17 13.10 8.70 19.81
N ALA A 18 12.03 9.03 19.07
CA ALA A 18 10.67 8.87 19.57
C ALA A 18 10.36 7.41 19.86
N ILE A 19 10.72 6.53 18.94
CA ILE A 19 10.53 5.10 19.12
C ILE A 19 11.33 4.58 20.32
N TYR A 20 12.56 5.06 20.46
CA TYR A 20 13.42 4.66 21.57
C TYR A 20 12.81 5.09 22.91
N ASN A 21 12.28 6.32 22.94
CA ASN A 21 11.64 6.89 24.14
C ASN A 21 10.36 6.16 24.53
N ASN A 22 9.51 5.81 23.57
CA ASN A 22 8.30 5.04 23.86
C ASN A 22 8.65 3.66 24.44
N VAL A 23 9.65 3.01 23.88
CA VAL A 23 10.04 1.69 24.33
C VAL A 23 10.66 1.80 25.73
N THR A 24 11.49 2.82 25.94
CA THR A 24 12.12 3.03 27.28
C THR A 24 11.04 3.29 28.35
N HIS A 25 10.06 4.12 28.00
CA HIS A 25 8.98 4.46 28.92
C HIS A 25 8.09 3.28 29.31
N ILE A 26 7.65 2.54 28.31
CA ILE A 26 7.02 1.24 28.54
C ILE A 26 7.86 0.29 29.41
N LYS A 27 9.12 0.05 29.05
CA LYS A 27 9.97 -0.81 29.88
C LYS A 27 10.07 -0.29 31.35
N GLU A 28 10.21 1.03 31.55
CA GLU A 28 10.16 1.60 32.91
C GLU A 28 8.81 1.37 33.61
N PHE A 29 7.71 1.46 32.86
CA PHE A 29 6.38 1.35 33.44
C PHE A 29 6.01 -0.10 33.88
N ILE A 30 6.44 -1.11 33.14
CA ILE A 30 6.06 -2.49 33.46
C ILE A 30 7.08 -3.11 34.43
N PRO A 31 6.75 -4.30 35.05
CA PRO A 31 7.70 -4.87 36.03
C PRO A 31 9.02 -5.20 35.37
N SER A 32 10.12 -5.13 36.11
CA SER A 32 11.47 -5.24 35.54
C SER A 32 11.76 -6.67 35.02
N ASP A 33 10.98 -7.65 35.49
CA ASP A 33 11.18 -9.01 34.99
C ASP A 33 10.29 -9.34 33.79
N VAL A 34 9.65 -8.35 33.19
CA VAL A 34 8.75 -8.61 32.08
C VAL A 34 9.37 -8.17 30.76
N GLU A 35 9.40 -9.03 29.76
CA GLU A 35 10.05 -8.70 28.49
C GLU A 35 9.11 -7.94 27.55
N ILE A 36 9.67 -7.23 26.58
CA ILE A 36 8.86 -6.63 25.52
C ILE A 36 9.17 -7.30 24.19
N PHE A 37 8.12 -7.77 23.48
CA PHE A 37 8.23 -7.97 22.04
C PHE A 37 7.93 -6.62 21.39
N ALA A 38 8.84 -6.16 20.53
CA ALA A 38 8.51 -5.09 19.62
C ALA A 38 7.84 -5.67 18.39
N VAL A 39 6.61 -5.26 18.14
CA VAL A 39 5.79 -5.88 17.09
C VAL A 39 5.98 -5.03 15.80
N VAL A 40 6.65 -5.63 14.81
CA VAL A 40 6.98 -4.92 13.57
C VAL A 40 6.17 -5.28 12.33
N GLY A 42 3.62 -5.54 9.19
CA GLY A 42 3.09 -4.43 8.33
C GLY A 42 4.16 -3.39 8.07
N ASN A 43 5.38 -3.84 7.71
CA ASN A 43 6.50 -2.96 7.48
C ASN A 43 6.70 -2.07 8.71
N ALA A 44 6.79 -2.72 9.87
CA ALA A 44 6.75 -1.99 11.13
C ALA A 44 5.71 -0.82 11.16
N TYR A 45 4.45 -1.17 10.97
CA TYR A 45 3.33 -0.21 10.94
C TYR A 45 3.68 0.99 10.02
N GLY A 46 4.33 0.69 8.91
CA GLY A 46 4.69 1.69 7.95
C GLY A 46 5.97 2.46 8.26
N HIS A 47 6.67 2.10 9.35
CA HIS A 47 7.88 2.81 9.77
C HIS A 47 9.18 2.17 9.20
N ASP A 48 9.06 0.96 8.64
CA ASP A 48 10.16 0.13 8.08
C ASP A 48 10.68 -0.96 9.04
N TYR A 49 10.51 -2.22 8.63
CA TYR A 49 10.94 -3.39 9.44
C TYR A 49 12.21 -3.19 10.28
N VAL A 50 13.31 -2.90 9.60
CA VAL A 50 14.65 -3.11 10.18
C VAL A 50 15.05 -2.01 11.16
N PRO A 51 14.94 -0.72 10.74
CA PRO A 51 15.35 0.29 11.72
C PRO A 51 14.54 0.29 13.02
N VAL A 52 13.23 0.06 12.92
CA VAL A 52 12.37 0.00 14.10
C VAL A 52 12.81 -1.17 14.99
N ALA A 53 12.91 -2.36 14.42
CA ALA A 53 13.43 -3.52 15.17
C ALA A 53 14.74 -3.21 15.90
N LYS A 54 15.71 -2.63 15.20
CA LYS A 54 17.02 -2.40 15.80
C LYS A 54 16.96 -1.39 16.93
N ILE A 55 16.26 -0.29 16.70
CA ILE A 55 16.12 0.71 17.75
C ILE A 55 15.36 0.24 18.98
N ALA A 56 14.31 -0.53 18.75
CA ALA A 56 13.52 -1.11 19.84
C ALA A 56 14.37 -2.02 20.71
N LEU A 57 15.15 -2.89 20.07
CA LEU A 57 16.14 -3.72 20.78
C LEU A 57 17.15 -2.87 21.56
N GLU A 58 17.67 -1.83 20.92
CA GLU A 58 18.62 -0.97 21.61
C GLU A 58 17.99 -0.37 22.86
N ALA A 59 16.72 -0.01 22.76
CA ALA A 59 15.96 0.58 23.88
C ALA A 59 15.51 -0.42 24.93
N GLY A 60 15.81 -1.71 24.73
CA GLY A 60 15.56 -2.71 25.77
C GLY A 60 14.42 -3.69 25.51
N ALA A 61 13.78 -3.61 24.34
CA ALA A 61 12.96 -4.75 23.88
C ALA A 61 13.93 -5.91 23.71
N THR A 62 13.50 -7.13 24.03
CA THR A 62 14.36 -8.32 23.89
C THR A 62 13.94 -9.26 22.73
N ARG A 63 12.72 -9.09 22.23
CA ARG A 63 12.16 -10.04 21.27
C ARG A 63 11.40 -9.24 20.21
N LEU A 64 11.12 -9.87 19.08
CA LEU A 64 10.41 -9.24 17.98
C LEU A 64 9.26 -10.14 17.53
N ALA A 65 8.25 -9.53 16.90
CA ALA A 65 7.11 -10.27 16.37
C ALA A 65 6.71 -9.68 15.03
N VAL A 66 6.32 -10.57 14.11
CA VAL A 66 5.92 -10.22 12.75
C VAL A 66 4.75 -11.09 12.28
N ALA A 67 3.99 -10.59 11.30
CA ALA A 67 2.80 -11.29 10.80
C ALA A 67 3.00 -12.66 10.11
N PHE A 68 4.03 -12.78 9.28
CA PHE A 68 4.26 -14.02 8.54
C PHE A 68 5.76 -14.17 8.24
N LEU A 69 6.16 -15.33 7.74
CA LEU A 69 7.59 -15.73 7.78
C LEU A 69 8.51 -14.83 6.95
N ASP A 70 8.01 -14.33 5.82
CA ASP A 70 8.83 -13.48 4.97
C ASP A 70 9.30 -12.23 5.73
N GLU A 71 8.41 -11.66 6.52
CA GLU A 71 8.76 -10.50 7.37
C GLU A 71 9.92 -10.81 8.32
N ALA A 72 9.91 -12.01 8.90
CA ALA A 72 10.96 -12.41 9.80
C ALA A 72 12.30 -12.58 9.07
N LEU A 73 12.24 -12.99 7.80
CA LEU A 73 13.48 -13.23 7.05
C LEU A 73 14.12 -11.90 6.64
N VAL A 74 13.27 -10.89 6.40
CA VAL A 74 13.76 -9.51 6.22
C VAL A 74 14.65 -9.08 7.39
N LEU A 75 14.18 -9.32 8.61
CA LEU A 75 14.98 -9.05 9.81
C LEU A 75 16.28 -9.86 9.88
N ARG A 76 16.19 -11.19 9.69
CA ARG A 76 17.37 -12.05 9.77
C ARG A 76 18.41 -11.67 8.70
N ARG A 77 17.94 -11.36 7.50
CA ARG A 77 18.86 -10.93 6.43
C ARG A 77 19.51 -9.57 6.77
N ALA A 78 18.89 -8.83 7.69
CA ALA A 78 19.49 -7.57 8.11
C ALA A 78 20.50 -7.72 9.28
N GLY A 79 20.72 -8.95 9.76
CA GLY A 79 21.79 -9.19 10.72
C GLY A 79 21.25 -9.28 12.13
N ILE A 80 19.96 -9.02 12.27
CA ILE A 80 19.28 -9.15 13.56
C ILE A 80 19.24 -10.59 14.05
N THR A 81 19.61 -10.80 15.32
CA THR A 81 19.67 -12.14 15.92
C THR A 81 18.70 -12.39 17.09
N ALA A 82 18.00 -11.35 17.56
CA ALA A 82 17.02 -11.50 18.65
C ALA A 82 15.92 -12.52 18.25
N PRO A 83 15.27 -13.16 19.24
CA PRO A 83 14.13 -14.01 18.89
C PRO A 83 13.05 -13.24 18.09
N ILE A 84 12.43 -13.93 17.12
CA ILE A 84 11.34 -13.39 16.28
C ILE A 84 10.27 -14.45 16.29
N LEU A 85 9.05 -14.07 16.68
CA LEU A 85 7.86 -14.94 16.62
C LEU A 85 6.93 -14.48 15.48
N VAL A 86 6.49 -15.41 14.63
CA VAL A 86 5.44 -15.13 13.63
C VAL A 86 4.11 -15.27 14.38
N LEU A 87 3.31 -14.20 14.39
CA LEU A 87 2.04 -14.15 15.13
C LEU A 87 0.88 -14.69 14.30
N GLY A 88 0.98 -14.58 12.99
CA GLY A 88 -0.13 -14.95 12.11
C GLY A 88 -0.06 -16.44 11.84
N PRO A 89 -1.06 -16.97 11.13
CA PRO A 89 -0.98 -18.41 10.82
C PRO A 89 0.04 -18.61 9.69
N SER A 90 0.77 -19.71 9.75
CA SER A 90 1.79 -20.07 8.75
C SER A 90 1.43 -21.44 8.21
N PRO A 91 1.62 -21.64 6.92
CA PRO A 91 1.38 -22.97 6.35
C PRO A 91 2.46 -23.96 6.80
N PRO A 92 2.12 -25.26 6.89
CA PRO A 92 3.07 -26.27 7.34
C PRO A 92 4.37 -26.33 6.54
N ARG A 93 4.32 -25.99 5.27
CA ARG A 93 5.52 -26.01 4.43
C ARG A 93 6.60 -25.02 4.90
N ASP A 94 6.27 -24.15 5.86
CA ASP A 94 7.27 -23.23 6.41
C ASP A 94 8.23 -23.84 7.47
N ILE A 95 7.95 -25.08 7.90
CA ILE A 95 8.63 -25.76 9.03
C ILE A 95 10.17 -25.63 9.01
N ASN A 96 10.77 -25.98 7.86
CA ASN A 96 12.23 -26.11 7.77
C ASN A 96 12.89 -24.75 7.62
N VAL A 97 12.29 -23.88 6.81
CA VAL A 97 12.82 -22.54 6.59
C VAL A 97 12.74 -21.69 7.89
N ALA A 98 11.64 -21.81 8.64
CA ALA A 98 11.54 -21.19 9.99
C ALA A 98 12.65 -21.71 10.91
N ALA A 99 12.75 -23.03 11.02
CA ALA A 99 13.83 -23.72 11.74
C ALA A 99 15.23 -23.24 11.36
N GLU A 100 15.58 -23.26 10.08
CA GLU A 100 16.94 -22.96 9.66
C GLU A 100 17.22 -21.47 9.87
N ASN A 101 16.17 -20.66 10.03
CA ASN A 101 16.37 -19.22 10.24
C ASN A 101 16.11 -18.77 11.69
N ASP A 102 15.98 -19.74 12.60
CA ASP A 102 15.77 -19.49 14.03
C ASP A 102 14.52 -18.59 14.29
N VAL A 103 13.46 -18.86 13.59
CA VAL A 103 12.23 -18.10 13.76
C VAL A 103 11.15 -18.99 14.37
N ALA A 104 10.46 -18.50 15.37
CA ALA A 104 9.45 -19.33 16.02
C ALA A 104 8.12 -19.08 15.31
N LEU A 105 7.27 -20.09 15.25
CA LEU A 105 5.99 -19.88 14.58
C LEU A 105 4.88 -20.07 15.57
N THR A 106 3.76 -19.43 15.32
CA THR A 106 2.52 -19.75 16.05
C THR A 106 1.94 -21.04 15.48
N VAL A 107 1.68 -22.03 16.35
CA VAL A 107 1.19 -23.35 15.90
C VAL A 107 0.12 -23.80 16.87
N PHE A 108 -1.04 -24.19 16.34
CA PHE A 108 -2.16 -24.43 17.24
C PHE A 108 -3.14 -25.48 16.65
N GLN A 109 -2.74 -26.19 15.60
CA GLN A 109 -3.68 -27.12 14.92
C GLN A 109 -3.02 -28.49 14.85
N LYS A 110 -3.75 -29.56 15.20
CA LYS A 110 -3.17 -30.88 15.05
C LYS A 110 -2.84 -31.20 13.58
N GLU A 111 -3.65 -30.67 12.67
CA GLU A 111 -3.48 -30.86 11.22
C GLU A 111 -2.15 -30.23 10.76
N TRP A 112 -1.81 -29.07 11.31
CA TRP A 112 -0.55 -28.45 10.95
C TRP A 112 0.58 -29.41 11.37
N VAL A 113 0.45 -29.97 12.58
CA VAL A 113 1.46 -30.89 13.08
C VAL A 113 1.56 -32.16 12.21
N ASP A 114 0.42 -32.80 11.93
CA ASP A 114 0.36 -33.87 10.89
C ASP A 114 1.20 -33.57 9.65
N GLU A 115 0.94 -32.42 9.05
CA GLU A 115 1.63 -32.08 7.79
C GLU A 115 3.11 -31.78 8.01
N ALA A 116 3.42 -31.01 9.05
CA ALA A 116 4.81 -30.74 9.41
C ALA A 116 5.64 -32.04 9.55
N ILE A 117 5.10 -33.04 10.23
CA ILE A 117 5.74 -34.36 10.34
C ILE A 117 6.08 -34.92 8.96
N LYS A 118 5.16 -34.78 8.01
CA LYS A 118 5.38 -35.16 6.61
C LYS A 118 6.47 -34.33 5.91
N LEU A 119 6.56 -33.04 6.22
CA LEU A 119 7.41 -32.15 5.45
C LEU A 119 8.78 -31.94 6.08
N TRP A 120 8.93 -32.35 7.33
CA TRP A 120 10.16 -32.11 8.08
C TRP A 120 11.38 -32.70 7.38
N ASP A 121 12.45 -31.92 7.23
CA ASP A 121 13.66 -32.40 6.54
C ASP A 121 14.67 -33.10 7.44
N GLY A 122 14.36 -33.19 8.73
CA GLY A 122 15.13 -34.05 9.63
C GLY A 122 16.37 -33.39 10.21
N SER A 123 16.73 -32.20 9.71
CA SER A 123 18.01 -31.57 10.05
C SER A 123 17.89 -30.37 11.04
N SER A 124 16.67 -30.05 11.47
CA SER A 124 16.40 -28.77 12.09
C SER A 124 15.21 -28.87 13.06
N THR A 125 15.40 -28.56 14.35
CA THR A 125 14.25 -28.36 15.29
C THR A 125 13.60 -26.95 15.19
N MET A 126 12.29 -26.88 15.33
CA MET A 126 11.61 -25.58 15.26
C MET A 126 10.91 -25.19 16.56
N LYS A 127 11.03 -23.93 16.95
CA LYS A 127 10.36 -23.43 18.16
C LYS A 127 8.95 -22.94 17.78
N TYR A 128 7.99 -23.09 18.68
CA TYR A 128 6.64 -22.62 18.36
C TYR A 128 6.01 -22.01 19.61
N HIS A 129 5.04 -21.12 19.41
CA HIS A 129 4.17 -20.72 20.55
C HIS A 129 2.75 -21.21 20.28
N ILE A 130 2.05 -21.66 21.32
CA ILE A 130 0.62 -21.92 21.20
C ILE A 130 -0.18 -20.63 21.37
N ASN A 131 -1.06 -20.38 20.41
CA ASN A 131 -2.06 -19.32 20.53
C ASN A 131 -3.37 -19.96 21.03
N PHE A 132 -3.82 -19.51 22.19
CA PHE A 132 -5.20 -19.73 22.66
C PHE A 132 -6.08 -18.55 22.24
N ASP A 133 -7.20 -18.87 21.64
CA ASP A 133 -8.21 -17.88 21.27
C ASP A 133 -9.14 -17.79 22.49
N SER A 134 -9.04 -16.69 23.25
CA SER A 134 -9.84 -16.53 24.47
C SER A 134 -11.04 -15.61 24.20
N GLY A 135 -11.25 -15.24 22.92
CA GLY A 135 -12.40 -14.42 22.52
C GLY A 135 -12.16 -13.47 21.33
N MET A 136 -10.94 -13.46 20.77
CA MET A 136 -10.64 -12.67 19.58
C MET A 136 -11.29 -13.32 18.32
N GLY A 137 -11.52 -14.63 18.37
CA GLY A 137 -12.20 -15.31 17.25
C GLY A 137 -11.41 -15.45 15.95
N ARG A 138 -10.09 -15.21 16.04
CA ARG A 138 -9.26 -15.08 14.84
C ARG A 138 -8.50 -16.41 14.59
N ILE A 139 -7.39 -16.63 15.27
CA ILE A 139 -6.77 -17.98 15.30
C ILE A 139 -6.54 -18.40 16.73
N GLY A 140 -6.08 -19.65 16.91
CA GLY A 140 -5.82 -20.15 18.23
C GLY A 140 -6.76 -21.27 18.65
N ILE A 141 -6.37 -22.01 19.68
CA ILE A 141 -7.17 -23.13 20.18
C ILE A 141 -8.25 -22.55 21.08
N ARG A 142 -9.45 -23.07 20.99
CA ARG A 142 -10.53 -22.54 21.83
C ARG A 142 -10.97 -23.57 22.85
N GLU A 143 -11.06 -24.84 22.46
CA GLU A 143 -11.69 -25.87 23.31
C GLU A 143 -10.73 -26.80 23.99
N ARG A 144 -11.21 -27.40 25.08
CA ARG A 144 -10.43 -28.37 25.85
C ARG A 144 -10.08 -29.68 25.06
N LYS A 145 -11.08 -30.27 24.43
CA LYS A 145 -10.88 -31.42 23.56
C LYS A 145 -9.92 -31.10 22.40
N GLU A 146 -10.12 -29.93 21.81
CA GLU A 146 -9.24 -29.47 20.77
C GLU A 146 -7.77 -29.42 21.24
N LEU A 147 -7.52 -28.78 22.39
CA LEU A 147 -6.16 -28.72 22.94
C LEU A 147 -5.60 -30.11 23.16
N LYS A 148 -6.42 -30.97 23.77
CA LYS A 148 -6.05 -32.35 24.01
C LYS A 148 -5.53 -33.12 22.79
N GLY A 149 -6.29 -33.15 21.70
CA GLY A 149 -5.87 -33.76 20.44
C GLY A 149 -4.65 -33.06 19.83
N PHE A 150 -4.50 -31.74 20.02
CA PHE A 150 -3.31 -31.02 19.55
C PHE A 150 -2.02 -31.54 20.24
N LEU A 151 -2.05 -31.57 21.57
CA LEU A 151 -0.99 -32.20 22.37
C LEU A 151 -0.72 -33.66 22.01
N LYS A 152 -1.77 -34.47 21.84
CA LYS A 152 -1.56 -35.86 21.45
C LYS A 152 -0.74 -35.91 20.14
N SER A 153 -1.10 -35.08 19.18
CA SER A 153 -0.42 -35.14 17.89
C SER A 153 1.02 -34.61 17.98
N LEU A 154 1.27 -33.72 18.95
CA LEU A 154 2.62 -33.19 19.18
C LEU A 154 3.63 -34.26 19.62
N GLU A 155 3.13 -35.34 20.22
CA GLU A 155 3.98 -36.46 20.56
C GLU A 155 4.67 -37.11 19.35
N GLY A 156 4.08 -36.98 18.16
CA GLY A 156 4.75 -37.52 16.97
C GLY A 156 5.79 -36.58 16.39
N ALA A 157 5.99 -35.40 17.01
CA ALA A 157 6.81 -34.36 16.43
C ALA A 157 7.86 -33.82 17.42
N PRO A 158 8.83 -34.66 17.81
CA PRO A 158 9.77 -34.19 18.84
C PRO A 158 10.69 -33.06 18.32
N PHE A 159 10.68 -32.79 17.02
CA PHE A 159 11.46 -31.68 16.45
C PHE A 159 10.76 -30.30 16.64
N LEU A 160 9.52 -30.34 17.11
CA LEU A 160 8.79 -29.10 17.47
C LEU A 160 8.97 -28.84 18.97
N GLU A 161 9.38 -27.62 19.33
CA GLU A 161 9.72 -27.34 20.74
C GLU A 161 8.95 -26.13 21.23
N LEU A 162 8.16 -26.30 22.27
CA LEU A 162 7.36 -25.21 22.80
C LEU A 162 8.28 -24.11 23.36
N GLU A 163 8.06 -22.87 22.93
CA GLU A 163 8.81 -21.75 23.47
C GLU A 163 7.90 -20.80 24.29
N GLY A 164 6.61 -20.77 23.99
CA GLY A 164 5.69 -19.96 24.81
C GLY A 164 4.22 -20.12 24.45
N VAL A 165 3.35 -19.49 25.22
CA VAL A 165 1.93 -19.67 25.07
C VAL A 165 1.28 -18.31 25.22
N TYR A 166 0.32 -17.98 24.37
CA TYR A 166 -0.19 -16.62 24.39
C TYR A 166 -1.67 -16.53 24.03
N THR A 167 -2.30 -15.44 24.44
CA THR A 167 -3.62 -15.05 23.90
C THR A 167 -3.59 -13.57 23.46
N HIS A 168 -4.72 -13.09 22.92
CA HIS A 168 -4.79 -11.69 22.44
C HIS A 168 -6.20 -11.14 22.72
N PHE A 169 -6.25 -9.89 23.16
CA PHE A 169 -7.48 -9.23 23.57
C PHE A 169 -8.13 -8.45 22.45
N ALA A 170 -9.45 -8.61 22.32
CA ALA A 170 -10.26 -7.95 21.28
C ALA A 170 -10.73 -6.57 21.67
N THR A 171 -10.75 -6.26 22.98
CA THR A 171 -11.40 -5.03 23.42
C THR A 171 -10.62 -4.17 24.45
N ALA A 172 -9.31 -4.39 24.54
CA ALA A 172 -8.50 -3.70 25.55
C ALA A 172 -8.46 -2.17 25.35
N ASP A 173 -8.97 -1.72 24.20
CA ASP A 173 -9.02 -0.34 23.93
C ASP A 173 -10.40 0.26 24.14
N GLU A 174 -11.30 -0.51 24.78
CA GLU A 174 -12.64 0.02 25.23
C GLU A 174 -12.67 0.30 26.71
N VAL A 175 -13.28 1.41 27.13
CA VAL A 175 -13.19 1.80 28.53
C VAL A 175 -13.79 0.69 29.39
N GLU A 176 -14.99 0.26 29.02
CA GLU A 176 -15.69 -0.82 29.72
C GLU A 176 -14.91 -2.12 29.58
N THR A 177 -14.83 -2.88 30.66
CA THR A 177 -14.04 -4.11 30.68
C THR A 177 -14.78 -5.45 30.67
N SER A 178 -16.11 -5.47 30.48
CA SER A 178 -16.77 -6.80 30.56
C SER A 178 -16.19 -7.91 29.67
N TYR A 179 -16.05 -7.62 28.38
CA TYR A 179 -15.50 -8.60 27.46
C TYR A 179 -14.04 -9.00 27.75
N PHE A 180 -13.23 -8.00 28.09
CA PHE A 180 -11.84 -8.24 28.46
C PHE A 180 -11.72 -9.15 29.69
N ASP A 181 -12.56 -8.89 30.68
CA ASP A 181 -12.55 -9.70 31.90
C ASP A 181 -12.94 -11.13 31.54
N LYS A 182 -13.92 -11.31 30.63
CA LYS A 182 -14.31 -12.66 30.18
C LYS A 182 -13.15 -13.38 29.45
N GLN A 183 -12.48 -12.66 28.54
CA GLN A 183 -11.25 -13.20 27.96
C GLN A 183 -10.25 -13.65 28.99
N TYR A 184 -9.94 -12.76 29.95
CA TYR A 184 -8.97 -13.09 30.98
C TYR A 184 -9.38 -14.38 31.70
N ASN A 185 -10.65 -14.48 32.08
CA ASN A 185 -11.12 -15.72 32.73
C ASN A 185 -11.05 -16.94 31.84
N THR A 186 -11.38 -16.77 30.56
CA THR A 186 -11.32 -17.89 29.63
C THR A 186 -9.85 -18.36 29.48
N PHE A 187 -8.93 -17.41 29.28
CA PHE A 187 -7.51 -17.75 29.17
C PHE A 187 -7.02 -18.49 30.43
N LEU A 188 -7.49 -18.09 31.62
CA LEU A 188 -7.06 -18.78 32.84
C LEU A 188 -7.49 -20.22 32.86
N GLU A 189 -8.70 -20.46 32.36
CA GLU A 189 -9.22 -21.83 32.24
C GLU A 189 -8.34 -22.61 31.25
N GLN A 190 -7.96 -21.97 30.13
CA GLN A 190 -7.14 -22.64 29.11
C GLN A 190 -5.77 -23.04 29.62
N LEU A 191 -5.14 -22.17 30.41
CA LEU A 191 -3.86 -22.48 31.05
C LEU A 191 -4.01 -23.59 32.06
N SER A 192 -5.16 -23.65 32.72
CA SER A 192 -5.44 -24.75 33.65
C SER A 192 -5.51 -26.09 32.88
N TRP A 193 -6.18 -26.10 31.73
CA TRP A 193 -6.24 -27.32 30.90
C TRP A 193 -4.82 -27.75 30.57
N LEU A 194 -4.01 -26.78 30.15
CA LEU A 194 -2.64 -27.10 29.74
C LEU A 194 -1.83 -27.74 30.89
N LYS A 195 -1.99 -27.22 32.10
CA LYS A 195 -1.31 -27.79 33.27
C LYS A 195 -1.87 -29.19 33.58
N GLU A 196 -3.19 -29.33 33.43
CA GLU A 196 -3.79 -30.66 33.60
C GLU A 196 -3.22 -31.69 32.63
N PHE A 197 -3.00 -31.28 31.40
CA PHE A 197 -2.38 -32.16 30.43
C PHE A 197 -0.87 -32.22 30.58
N GLY A 198 -0.33 -31.65 31.66
CA GLY A 198 1.07 -31.86 32.02
C GLY A 198 2.04 -31.01 31.23
N VAL A 199 1.54 -29.92 30.66
CA VAL A 199 2.41 -29.01 29.90
C VAL A 199 2.64 -27.71 30.68
N ASP A 200 3.91 -27.51 30.92
CA ASP A 200 4.42 -26.27 31.46
C ASP A 200 4.46 -25.16 30.36
N PRO A 201 3.74 -24.04 30.58
CA PRO A 201 3.60 -23.03 29.53
C PRO A 201 4.94 -22.37 29.24
N LYS A 202 5.83 -22.37 30.24
CA LYS A 202 7.18 -21.79 30.11
C LYS A 202 7.23 -20.25 30.10
N PHE A 203 6.49 -19.64 29.21
CA PHE A 203 6.72 -18.23 28.91
C PHE A 203 5.38 -17.78 28.35
N VAL A 204 4.70 -16.93 29.10
CA VAL A 204 3.30 -16.60 28.78
C VAL A 204 3.24 -15.12 28.45
N HIS A 205 2.48 -14.75 27.42
CA HIS A 205 2.32 -13.34 27.10
C HIS A 205 0.88 -13.10 26.59
N THR A 206 0.27 -11.97 26.94
CA THR A 206 -1.10 -11.72 26.49
C THR A 206 -1.38 -10.32 26.00
N ALA A 207 -0.61 -9.35 26.51
CA ALA A 207 -1.03 -7.95 26.48
C ALA A 207 -0.51 -7.21 25.26
N ASN A 208 -1.37 -6.45 24.61
CA ASN A 208 -0.97 -5.56 23.55
C ASN A 208 -0.72 -4.16 24.18
N SER A 209 -0.57 -3.13 23.35
CA SER A 209 -0.32 -1.79 23.89
C SER A 209 -1.38 -1.37 24.90
N ALA A 210 -2.65 -1.46 24.51
CA ALA A 210 -3.75 -0.97 25.39
C ALA A 210 -3.77 -1.74 26.72
N ALA A 211 -3.71 -3.07 26.65
CA ALA A 211 -3.77 -3.84 27.89
C ALA A 211 -2.57 -3.54 28.78
N THR A 212 -1.39 -3.41 28.17
CA THR A 212 -0.16 -3.21 28.90
C THR A 212 -0.24 -1.87 29.66
N LEU A 213 -0.77 -0.86 28.99
CA LEU A 213 -0.80 0.48 29.56
C LEU A 213 -1.94 0.70 30.55
N ARG A 214 -2.86 -0.27 30.67
CA ARG A 214 -4.04 -0.07 31.53
C ARG A 214 -4.11 -1.00 32.73
N PHE A 215 -3.89 -2.29 32.51
CA PHE A 215 -4.38 -3.27 33.47
C PHE A 215 -3.35 -3.91 34.39
N GLN A 216 -3.77 -4.22 35.62
CA GLN A 216 -2.93 -4.91 36.57
C GLN A 216 -2.95 -6.42 36.29
N GLY A 217 -1.84 -7.09 36.61
CA GLY A 217 -1.83 -8.57 36.56
C GLY A 217 -1.93 -9.13 35.15
N ILE A 218 -1.56 -8.31 34.17
CA ILE A 218 -1.73 -8.69 32.76
C ILE A 218 -0.39 -8.99 32.04
N THR A 219 0.68 -8.57 32.64
CA THR A 219 1.99 -8.73 32.07
C THR A 219 2.57 -10.12 31.88
N PHE A 220 2.31 -11.01 32.79
CA PHE A 220 2.88 -12.34 32.70
C PHE A 220 4.41 -12.30 32.55
N ASN A 221 4.95 -13.01 31.59
CA ASN A 221 6.38 -12.97 31.30
C ASN A 221 6.81 -11.98 30.23
N ALA A 222 5.88 -11.52 29.44
CA ALA A 222 6.15 -10.60 28.36
C ALA A 222 4.89 -9.90 27.85
N VAL A 223 5.08 -8.69 27.33
CA VAL A 223 4.01 -7.94 26.61
C VAL A 223 4.41 -7.74 25.16
N ARG A 224 3.41 -7.52 24.28
CA ARG A 224 3.64 -7.36 22.82
C ARG A 224 3.18 -6.01 22.38
N ILE A 225 4.15 -5.14 22.10
CA ILE A 225 3.88 -3.74 21.89
C ILE A 225 3.95 -3.40 20.41
N GLY A 226 2.82 -2.99 19.85
CA GLY A 226 2.91 -2.33 18.51
C GLY A 226 2.70 -0.84 18.55
N ILE A 227 1.42 -0.43 18.44
CA ILE A 227 1.07 0.99 18.24
C ILE A 227 1.65 1.98 19.28
N ALA A 228 1.71 1.60 20.54
CA ALA A 228 2.33 2.50 21.53
C ALA A 228 3.83 2.77 21.30
N MET A 229 4.51 1.79 20.69
CA MET A 229 5.92 1.99 20.33
C MET A 229 6.07 3.07 19.24
N TYR A 230 5.07 3.16 18.37
CA TYR A 230 5.10 4.13 17.29
C TYR A 230 4.55 5.48 17.80
N GLY A 231 4.16 5.50 19.06
CA GLY A 231 3.87 6.74 19.77
C GLY A 231 2.42 7.15 19.58
N LEU A 232 1.54 6.21 19.24
CA LEU A 232 0.13 6.54 19.01
C LEU A 232 -0.80 5.80 20.01
N SER A 233 -1.91 6.41 20.39
CA SER A 233 -2.87 5.71 21.25
C SER A 233 -3.63 4.58 20.53
N PRO A 234 -3.79 3.41 21.18
CA PRO A 234 -4.66 2.39 20.63
C PRO A 234 -6.08 2.85 20.27
N SER A 235 -6.66 3.76 21.03
CA SER A 235 -7.94 4.38 20.62
C SER A 235 -8.08 5.76 21.25
N VAL A 236 -9.03 6.54 20.74
CA VAL A 236 -9.32 7.86 21.32
C VAL A 236 -9.87 7.72 22.72
N GLU A 237 -10.68 6.69 22.95
CA GLU A 237 -11.41 6.68 24.25
C GLU A 237 -10.49 6.38 25.41
N ILE A 238 -9.41 5.63 25.18
CA ILE A 238 -8.49 5.35 26.31
C ILE A 238 -7.35 6.34 26.42
N ARG A 239 -7.18 7.22 25.42
CA ARG A 239 -6.12 8.21 25.44
C ARG A 239 -6.04 8.91 26.80
N PRO A 240 -7.20 9.31 27.36
CA PRO A 240 -7.15 10.11 28.58
C PRO A 240 -6.56 9.33 29.76
N PHE A 241 -6.47 8.02 29.62
CA PHE A 241 -6.12 7.17 30.75
C PHE A 241 -4.72 6.54 30.67
N LEU A 242 -3.95 6.91 29.65
CA LEU A 242 -2.63 6.33 29.44
C LEU A 242 -1.69 6.95 30.45
N PRO A 243 -0.72 6.17 30.96
CA PRO A 243 0.07 6.63 32.12
C PRO A 243 1.14 7.68 31.75
N PHE A 244 1.50 7.84 30.48
CA PHE A 244 2.51 8.86 30.14
C PHE A 244 2.31 9.26 28.68
N LYS A 245 2.96 10.36 28.27
CA LYS A 245 2.80 10.95 26.93
C LYS A 245 3.47 10.04 25.90
N LEU A 246 2.73 9.57 24.91
CA LEU A 246 3.35 8.80 23.82
C LEU A 246 3.97 9.77 22.76
N GLU A 247 5.14 9.47 22.22
CA GLU A 247 5.77 10.39 21.25
C GLU A 247 5.65 9.85 19.80
N PRO A 248 4.83 10.49 18.95
CA PRO A 248 4.59 9.92 17.61
C PRO A 248 5.90 9.91 16.81
N ALA A 249 6.24 8.79 16.19
CA ALA A 249 7.54 8.66 15.50
C ALA A 249 7.49 9.03 14.00
N LEU A 250 6.29 8.99 13.39
CA LEU A 250 6.20 9.11 11.91
C LEU A 250 5.57 10.43 11.44
N SER A 251 6.20 11.10 10.48
CA SER A 251 5.51 12.19 9.76
C SER A 251 5.59 11.94 8.27
N LEU A 252 4.72 12.62 7.54
CA LEU A 252 4.64 12.44 6.10
C LEU A 252 4.61 13.82 5.45
N HIS A 253 5.60 14.09 4.58
CA HIS A 253 5.76 15.38 3.89
C HIS A 253 5.92 15.30 2.37
N THR A 254 5.56 16.42 1.73
CA THR A 254 5.61 16.64 0.28
C THR A 254 5.90 18.12 0.01
N LYS A 255 6.33 18.46 -1.21
CA LYS A 255 6.71 19.87 -1.53
C LYS A 255 5.81 20.32 -2.64
N VAL A 256 5.48 21.61 -2.66
CA VAL A 256 4.66 22.18 -3.70
C VAL A 256 5.41 22.02 -5.01
N ALA A 257 4.88 21.17 -5.89
CA ALA A 257 5.54 20.82 -7.16
C ALA A 257 5.08 21.70 -8.31
N HIS A 258 3.89 22.28 -8.18
CA HIS A 258 3.47 23.32 -9.10
C HIS A 258 2.54 24.26 -8.38
N ILE A 259 2.49 25.52 -8.83
CA ILE A 259 1.48 26.44 -8.30
C ILE A 259 0.97 27.37 -9.37
N LYS A 260 -0.32 27.73 -9.31
CA LYS A 260 -0.87 28.55 -10.38
C LYS A 260 -2.11 29.22 -9.86
N GLN A 261 -2.48 30.29 -10.54
CA GLN A 261 -3.75 30.95 -10.28
C GLN A 261 -4.76 30.50 -11.28
N VAL A 262 -5.92 30.01 -10.81
CA VAL A 262 -6.87 29.41 -11.72
C VAL A 262 -8.09 30.29 -11.71
N ILE A 263 -8.52 30.74 -12.91
CA ILE A 263 -9.68 31.63 -13.01
C ILE A 263 -10.95 31.04 -12.41
N LYS A 264 -11.84 31.94 -11.98
CA LYS A 264 -13.12 31.56 -11.38
C LYS A 264 -13.85 30.59 -12.29
N GLY A 265 -14.34 29.50 -11.72
CA GLY A 265 -15.15 28.58 -12.51
C GLY A 265 -14.43 27.44 -13.21
N ASP A 266 -13.09 27.45 -13.26
CA ASP A 266 -12.38 26.34 -13.93
C ASP A 266 -12.30 25.09 -13.06
N GLY A 267 -12.17 23.94 -13.71
CA GLY A 267 -12.26 22.64 -13.04
C GLY A 267 -10.89 22.13 -12.57
N ILE A 268 -10.90 21.38 -11.47
CA ILE A 268 -9.68 20.70 -10.98
C ILE A 268 -9.89 19.19 -10.88
N SER A 269 -9.00 18.44 -11.57
CA SER A 269 -8.89 16.99 -11.48
C SER A 269 -10.05 16.22 -12.11
N TYR A 270 -10.01 14.89 -11.94
CA TYR A 270 -10.89 13.97 -12.69
C TYR A 270 -12.38 14.31 -12.39
N ASN A 271 -13.18 14.32 -13.46
CA ASN A 271 -14.61 14.55 -13.36
C ASN A 271 -15.01 15.89 -12.80
N VAL A 272 -14.08 16.83 -12.80
CA VAL A 272 -14.37 18.24 -12.49
C VAL A 272 -15.24 18.31 -11.22
N THR A 273 -14.84 17.59 -10.18
CA THR A 273 -15.65 17.56 -8.96
C THR A 273 -15.45 18.81 -8.12
N TYR A 274 -14.48 19.64 -8.52
CA TYR A 274 -14.20 20.90 -7.84
C TYR A 274 -14.01 21.97 -8.91
N ARG A 275 -14.73 23.08 -8.73
CA ARG A 275 -14.49 24.30 -9.49
C ARG A 275 -14.12 25.46 -8.59
N THR A 276 -13.18 26.31 -9.02
CA THR A 276 -12.75 27.45 -8.20
C THR A 276 -13.92 28.43 -8.12
N LYS A 277 -14.05 29.11 -6.99
CA LYS A 277 -15.14 30.07 -6.83
C LYS A 277 -14.71 31.51 -7.05
N THR A 278 -13.39 31.73 -7.03
CA THR A 278 -12.79 33.03 -7.37
C THR A 278 -11.52 32.69 -8.14
N GLU A 279 -10.68 33.68 -8.44
CA GLU A 279 -9.31 33.35 -8.87
C GLU A 279 -8.52 32.71 -7.71
N GLU A 280 -8.27 31.40 -7.78
CA GLU A 280 -7.64 30.67 -6.69
C GLU A 280 -6.18 30.26 -6.94
N TRP A 281 -5.40 30.28 -5.88
CA TRP A 281 -4.07 29.67 -5.91
C TRP A 281 -4.24 28.16 -5.66
N ILE A 282 -3.89 27.35 -6.66
CA ILE A 282 -3.98 25.89 -6.60
C ILE A 282 -2.55 25.36 -6.71
N ALA A 283 -2.12 24.61 -5.71
CA ALA A 283 -0.81 23.98 -5.72
C ALA A 283 -1.00 22.51 -6.06
N THR A 284 0.01 21.87 -6.64
CA THR A 284 -0.03 20.41 -6.83
C THR A 284 1.14 19.82 -6.07
N VAL A 285 0.93 18.65 -5.46
CA VAL A 285 1.97 17.89 -4.79
C VAL A 285 2.10 16.50 -5.39
N ALA A 286 3.30 15.95 -5.36
CA ALA A 286 3.54 14.66 -5.99
C ALA A 286 3.35 13.47 -4.99
N ILE A 287 2.12 13.28 -4.52
CA ILE A 287 1.76 12.04 -3.79
C ILE A 287 0.29 11.76 -4.10
N GLY A 288 -0.09 10.48 -4.11
CA GLY A 288 -1.45 10.16 -4.54
C GLY A 288 -1.84 8.82 -3.93
N TYR A 289 -2.91 8.23 -4.42
CA TYR A 289 -3.38 6.99 -3.81
C TYR A 289 -2.48 5.78 -4.08
N ALA A 290 -1.63 5.82 -5.10
CA ALA A 290 -0.59 4.77 -5.21
C ALA A 290 0.42 4.77 -4.04
N ASP A 291 0.53 5.91 -3.35
CA ASP A 291 1.38 5.97 -2.17
C ASP A 291 0.62 5.62 -0.89
N GLY A 292 -0.68 5.38 -1.00
CA GLY A 292 -1.48 5.05 0.17
C GLY A 292 -2.33 6.21 0.66
N TRP A 293 -2.28 7.33 -0.06
CA TRP A 293 -2.95 8.55 0.34
C TRP A 293 -4.26 8.60 -0.45
N LEU A 294 -5.35 8.11 0.14
CA LEU A 294 -6.42 7.56 -0.73
C LEU A 294 -7.43 8.64 -1.14
N ARG A 295 -8.25 8.31 -2.13
CA ARG A 295 -9.17 9.25 -2.70
C ARG A 295 -10.16 9.78 -1.64
N ARG A 296 -10.50 8.95 -0.66
CA ARG A 296 -11.41 9.40 0.40
C ARG A 296 -10.78 10.53 1.27
N LEU A 297 -9.50 10.87 1.06
CA LEU A 297 -8.98 12.11 1.69
C LEU A 297 -9.29 13.44 0.97
N GLN A 298 -9.98 13.40 -0.18
CA GLN A 298 -10.39 14.67 -0.80
C GLN A 298 -11.16 15.52 0.21
N GLY A 299 -10.79 16.81 0.36
CA GLY A 299 -11.51 17.69 1.29
C GLY A 299 -10.80 17.75 2.62
N PHE A 300 -9.88 16.82 2.87
CA PHE A 300 -9.11 16.87 4.13
C PHE A 300 -8.15 18.08 4.09
N GLU A 301 -7.79 18.65 5.24
CA GLU A 301 -6.89 19.84 5.21
C GLU A 301 -5.48 19.46 5.61
N VAL A 302 -4.50 19.71 4.72
CA VAL A 302 -3.07 19.48 5.02
C VAL A 302 -2.47 20.79 5.55
N LEU A 303 -1.18 20.83 5.84
CA LEU A 303 -0.57 22.03 6.41
C LEU A 303 0.42 22.56 5.41
N VAL A 304 0.28 23.85 5.14
CA VAL A 304 1.25 24.62 4.36
C VAL A 304 1.47 25.96 5.03
N ASN A 305 2.73 26.25 5.33
CA ASN A 305 3.11 27.47 6.06
C ASN A 305 2.34 27.60 7.38
N GLY A 306 2.09 26.45 8.01
CA GLY A 306 1.42 26.41 9.31
C GLY A 306 -0.10 26.59 9.25
N LYS A 307 -0.65 26.63 8.04
CA LYS A 307 -2.08 26.88 7.84
C LYS A 307 -2.73 25.59 7.33
N ARG A 308 -3.94 25.32 7.83
CA ARG A 308 -4.77 24.27 7.29
C ARG A 308 -5.35 24.64 5.96
N VAL A 309 -5.17 23.82 4.93
CA VAL A 309 -5.61 24.14 3.58
C VAL A 309 -6.12 22.87 2.88
N PRO A 310 -7.25 22.96 2.18
CA PRO A 310 -7.91 21.73 1.78
C PRO A 310 -7.36 21.13 0.50
N ILE A 311 -7.44 19.81 0.43
CA ILE A 311 -7.28 19.06 -0.84
C ILE A 311 -8.53 19.26 -1.70
N VAL A 312 -8.32 19.73 -2.92
CA VAL A 312 -9.43 20.01 -3.78
C VAL A 312 -9.38 19.13 -5.02
N GLY A 313 -10.57 18.73 -5.46
CA GLY A 313 -10.70 17.85 -6.62
C GLY A 313 -10.22 16.43 -6.30
N ARG A 314 -10.41 15.51 -7.24
CA ARG A 314 -10.15 14.13 -6.98
C ARG A 314 -8.66 13.95 -6.76
N VAL A 315 -8.32 13.14 -5.80
CA VAL A 315 -6.96 12.71 -5.61
C VAL A 315 -6.61 11.74 -6.76
N THR A 316 -5.44 11.82 -7.37
CA THR A 316 -5.14 10.95 -8.50
C THR A 316 -4.06 9.98 -8.04
N MET A 317 -3.66 9.06 -8.92
CA MET A 317 -2.76 7.98 -8.48
C MET A 317 -1.48 8.52 -7.84
N ASP A 318 -1.03 9.67 -8.31
CA ASP A 318 0.34 10.17 -8.03
C ASP A 318 0.41 11.62 -7.60
N GLN A 319 -0.73 12.31 -7.60
CA GLN A 319 -0.72 13.77 -7.35
C GLN A 319 -2.06 14.17 -6.72
N PHE A 320 -2.04 15.25 -5.94
CA PHE A 320 -3.30 15.90 -5.59
C PHE A 320 -3.12 17.40 -5.48
N MET A 321 -4.23 18.13 -5.48
CA MET A 321 -4.15 19.58 -5.53
C MET A 321 -4.70 20.15 -4.24
N ILE A 322 -4.23 21.35 -3.90
CA ILE A 322 -4.59 22.04 -2.69
C ILE A 322 -4.92 23.51 -3.02
N HIS A 323 -5.95 24.06 -2.36
CA HIS A 323 -6.30 25.47 -2.51
C HIS A 323 -5.62 26.28 -1.41
N LEU A 324 -4.67 27.11 -1.82
CA LEU A 324 -4.00 28.01 -0.91
C LEU A 324 -4.61 29.42 -0.90
N PRO A 325 -4.51 30.12 0.25
CA PRO A 325 -4.90 31.52 0.27
C PRO A 325 -3.91 32.43 -0.46
N CYS A 326 -2.65 32.02 -0.62
CA CYS A 326 -1.62 32.96 -1.15
C CYS A 326 -0.67 32.17 -2.01
N GLU A 327 -0.03 32.86 -2.94
CA GLU A 327 1.09 32.26 -3.63
C GLU A 327 2.20 31.84 -2.68
N VAL A 328 2.76 30.67 -2.91
CA VAL A 328 4.02 30.29 -2.30
C VAL A 328 5.01 29.87 -3.37
N PRO A 329 6.30 29.79 -3.01
CA PRO A 329 7.32 29.35 -3.96
C PRO A 329 7.22 27.85 -4.19
N LEU A 330 7.67 27.42 -5.37
CA LEU A 330 7.78 26.00 -5.64
C LEU A 330 8.77 25.45 -4.62
N GLY A 331 8.55 24.26 -4.12
CA GLY A 331 9.45 23.73 -3.09
C GLY A 331 8.95 23.91 -1.68
N THR A 332 7.81 24.61 -1.51
CA THR A 332 7.33 24.93 -0.16
C THR A 332 6.86 23.62 0.47
N LYS A 333 7.30 23.39 1.69
CA LYS A 333 6.98 22.17 2.40
C LYS A 333 5.46 22.01 2.67
N VAL A 334 4.92 20.79 2.42
CA VAL A 334 3.53 20.50 2.70
C VAL A 334 3.49 19.29 3.62
N THR A 335 2.79 19.39 4.74
CA THR A 335 2.84 18.33 5.75
C THR A 335 1.47 17.66 5.83
N LEU A 336 1.46 16.33 5.73
CA LEU A 336 0.23 15.56 5.66
C LEU A 336 -0.04 14.92 7.02
N ILE A 337 1.05 14.40 7.62
CA ILE A 337 1.09 13.96 9.02
C ILE A 337 2.31 14.58 9.66
N GLY A 338 2.11 15.30 10.77
CA GLY A 338 3.20 15.83 11.55
C GLY A 338 2.99 17.32 11.89
N ARG A 339 4.09 17.99 12.20
CA ARG A 339 4.00 19.33 12.73
C ARG A 339 4.44 20.41 11.74
N GLN A 340 3.71 21.53 11.70
CA GLN A 340 4.25 22.78 11.16
C GLN A 340 3.90 23.90 12.12
N GLY A 341 4.90 24.44 12.82
CA GLY A 341 4.64 25.56 13.71
C GLY A 341 3.83 25.09 14.89
N ASP A 342 2.72 25.79 15.18
CA ASP A 342 1.87 25.40 16.32
C ASP A 342 0.90 24.26 15.93
N GLU A 343 0.76 24.00 14.64
CA GLU A 343 -0.21 23.05 14.12
C GLU A 343 0.37 21.63 14.00
N TYR A 344 -0.47 20.62 14.24
CA TYR A 344 -0.06 19.22 14.23
C TYR A 344 -1.21 18.40 13.66
N ILE A 345 -0.94 17.65 12.60
CA ILE A 345 -1.92 16.66 12.11
C ILE A 345 -1.50 15.26 12.52
N SER A 346 -2.31 14.61 13.35
CA SER A 346 -1.97 13.29 13.80
C SER A 346 -2.49 12.27 12.81
N ALA A 347 -1.89 11.09 12.82
CA ALA A 347 -2.40 9.95 12.02
C ALA A 347 -3.83 9.65 12.42
N THR A 348 -4.13 9.89 13.69
CA THR A 348 -5.50 9.71 14.17
C THR A 348 -6.51 10.66 13.48
N GLU A 349 -6.14 11.94 13.30
CA GLU A 349 -7.02 12.90 12.62
C GLU A 349 -7.24 12.49 11.16
N VAL A 350 -6.16 12.05 10.49
CA VAL A 350 -6.27 11.56 9.10
C VAL A 350 -7.20 10.34 9.07
N ALA A 351 -6.98 9.43 10.03
CA ALA A 351 -7.86 8.25 10.12
C ALA A 351 -9.36 8.58 10.37
N GLU A 352 -9.65 9.48 11.28
CA GLU A 352 -11.04 9.89 11.57
C GLU A 352 -11.73 10.53 10.37
N TYR A 353 -11.00 11.35 9.62
CA TYR A 353 -11.57 11.91 8.41
C TYR A 353 -11.86 10.80 7.38
N SER A 354 -10.97 9.83 7.30
CA SER A 354 -11.09 8.71 6.38
C SER A 354 -12.07 7.66 6.83
N GLY A 355 -12.62 7.75 8.03
CA GLY A 355 -13.50 6.71 8.53
C GLY A 355 -12.76 5.43 8.85
N THR A 356 -11.52 5.55 9.35
CA THR A 356 -10.79 4.36 9.71
C THR A 356 -10.02 4.62 10.99
N ILE A 357 -8.94 3.86 11.21
CA ILE A 357 -8.12 3.98 12.41
C ILE A 357 -6.68 4.28 12.08
N ASN A 358 -5.93 4.79 13.06
CA ASN A 358 -4.59 5.22 12.79
C ASN A 358 -3.68 4.09 12.28
N TYR A 359 -3.87 2.87 12.81
CA TYR A 359 -3.10 1.71 12.36
C TYR A 359 -3.12 1.63 10.84
N GLU A 360 -4.31 1.79 10.25
CA GLU A 360 -4.43 1.54 8.80
C GLU A 360 -3.80 2.72 8.01
N ILE A 361 -3.89 3.91 8.55
CA ILE A 361 -3.29 5.09 7.85
C ILE A 361 -1.75 4.90 7.75
N ILE A 362 -1.10 4.64 8.88
CA ILE A 362 0.34 4.47 8.87
C ILE A 362 0.84 3.28 8.09
N THR A 363 0.18 2.12 8.25
CA THR A 363 0.70 0.88 7.70
C THR A 363 0.60 0.83 6.19
N THR A 364 -0.36 1.56 5.62
CA THR A 364 -0.58 1.55 4.14
C THR A 364 0.17 2.64 3.36
N ILE A 365 1.10 3.30 4.00
CA ILE A 365 1.93 4.20 3.26
C ILE A 365 2.84 3.30 2.46
N SER A 366 2.66 3.40 1.15
CA SER A 366 3.23 2.50 0.16
C SER A 366 4.75 2.49 0.02
N PHE A 367 5.27 1.35 -0.40
CA PHE A 367 6.69 1.14 -0.52
C PHE A 367 7.34 2.12 -1.48
N ARG A 368 6.53 2.82 -2.23
CA ARG A 368 6.99 3.85 -3.21
C ARG A 368 7.63 5.04 -2.48
N VAL A 369 7.25 5.23 -1.21
CA VAL A 369 7.63 6.44 -0.49
C VAL A 369 8.90 6.17 0.33
N PRO A 370 9.94 7.01 0.14
CA PRO A 370 11.17 6.85 0.92
C PRO A 370 10.95 7.14 2.37
N ARG A 371 11.65 6.39 3.23
CA ARG A 371 11.74 6.75 4.62
C ARG A 371 13.08 7.39 4.94
N ILE A 372 13.02 8.50 5.66
CA ILE A 372 14.23 9.14 6.19
C ILE A 372 14.22 9.03 7.71
N PHE A 373 15.32 8.54 8.28
CA PHE A 373 15.41 8.21 9.69
C PHE A 373 16.28 9.22 10.41
N ILE A 374 15.73 9.79 11.50
CA ILE A 374 16.36 10.85 12.30
C ILE A 374 16.68 10.29 13.69
N ARG A 375 17.92 10.51 14.17
CA ARG A 375 18.37 10.03 15.48
C ARG A 375 19.24 11.13 16.06
N ASN A 376 18.88 11.60 17.25
CA ASN A 376 19.61 12.70 17.87
C ASN A 376 19.59 13.90 16.97
N GLY A 377 18.55 14.01 16.16
CA GLY A 377 18.32 15.15 15.30
C GLY A 377 19.01 15.22 13.96
N LYS A 378 19.85 14.25 13.66
CA LYS A 378 20.55 14.17 12.37
C LYS A 378 19.93 13.04 11.52
N VAL A 379 20.03 13.14 10.20
CA VAL A 379 19.63 12.05 9.36
C VAL A 379 20.69 10.98 9.43
N VAL A 380 20.30 9.76 9.76
CA VAL A 380 21.26 8.63 9.87
C VAL A 380 21.13 7.58 8.76
N GLU A 381 19.96 7.54 8.10
CA GLU A 381 19.68 6.56 7.04
C GLU A 381 18.49 7.00 6.18
N VAL A 382 18.54 6.63 4.90
CA VAL A 382 17.37 6.77 4.01
C VAL A 382 17.12 5.38 3.43
N ILE A 383 15.88 4.93 3.47
CA ILE A 383 15.52 3.68 2.77
C ILE A 383 14.54 3.97 1.67
N ASN A 384 14.94 3.68 0.44
CA ASN A 384 14.05 3.87 -0.71
C ASN A 384 13.80 2.47 -1.29
N TYR A 385 12.69 1.82 -0.90
CA TYR A 385 12.49 0.43 -1.34
C TYR A 385 12.49 0.24 -2.88
N LEU A 386 12.08 1.27 -3.64
CA LEU A 386 12.13 1.18 -5.10
C LEU A 386 13.58 0.97 -5.61
N ASN A 387 14.55 1.61 -4.97
CA ASN A 387 15.97 1.48 -5.33
C ASN A 387 16.47 0.06 -5.36
N ASP A 388 15.78 -0.81 -4.63
CA ASP A 388 16.30 -2.12 -4.27
C ASP A 388 15.72 -3.25 -5.11
N ILE A 389 14.70 -2.92 -5.89
CA ILE A 389 14.20 -3.85 -6.88
C ILE A 389 15.28 -4.14 -7.94
N ALA B 4 11.50 -18.19 -7.18
CA ALA B 4 11.38 -17.13 -6.11
C ALA B 4 10.42 -17.54 -5.00
N PRO B 5 10.92 -17.61 -3.75
CA PRO B 5 10.10 -18.16 -2.66
C PRO B 5 9.16 -17.15 -1.93
N PHE B 6 8.06 -17.65 -1.44
CA PHE B 6 7.21 -16.91 -0.49
C PHE B 6 6.55 -17.87 0.51
N TYR B 7 6.33 -17.39 1.72
CA TYR B 7 6.09 -18.29 2.85
C TYR B 7 4.73 -18.03 3.53
N ARG B 8 3.83 -17.37 2.81
CA ARG B 8 2.44 -17.21 3.26
C ARG B 8 1.61 -17.54 2.01
N ASP B 9 0.48 -18.20 2.17
CA ASP B 9 -0.32 -18.55 1.03
C ASP B 9 -1.30 -17.47 0.62
N THR B 10 -0.77 -16.32 0.30
CA THR B 10 -1.55 -15.23 -0.22
C THR B 10 -0.78 -14.71 -1.41
N TRP B 11 -1.44 -14.52 -2.53
CA TRP B 11 -0.72 -14.04 -3.69
C TRP B 11 -1.59 -13.31 -4.70
N VAL B 12 -0.95 -12.46 -5.52
CA VAL B 12 -1.54 -11.94 -6.75
C VAL B 12 -1.18 -12.84 -7.93
N GLU B 13 -2.18 -13.20 -8.73
CA GLU B 13 -1.91 -13.79 -10.03
C GLU B 13 -2.01 -12.77 -11.14
N VAL B 14 -0.93 -12.58 -11.88
CA VAL B 14 -0.93 -11.75 -13.10
C VAL B 14 -0.87 -12.59 -14.36
N ASP B 15 -1.94 -12.58 -15.13
CA ASP B 15 -1.97 -13.32 -16.39
C ASP B 15 -1.40 -12.44 -17.49
N LEU B 16 -0.14 -12.71 -17.83
CA LEU B 16 0.54 -12.00 -18.89
C LEU B 16 -0.13 -12.15 -20.26
N ASP B 17 -0.84 -13.25 -20.51
CA ASP B 17 -1.62 -13.40 -21.75
C ASP B 17 -2.66 -12.29 -21.93
N ALA B 18 -3.39 -12.00 -20.85
CA ALA B 18 -4.48 -11.03 -20.85
C ALA B 18 -3.94 -9.65 -21.22
N ILE B 19 -2.80 -9.30 -20.62
CA ILE B 19 -2.12 -8.02 -20.88
C ILE B 19 -1.64 -7.91 -22.35
N TYR B 20 -0.93 -8.94 -22.80
CA TYR B 20 -0.53 -9.06 -24.19
C TYR B 20 -1.72 -8.94 -25.15
N ASN B 21 -2.80 -9.62 -24.82
CA ASN B 21 -4.03 -9.55 -25.59
C ASN B 21 -4.72 -8.18 -25.59
N ASN B 22 -4.81 -7.53 -24.44
CA ASN B 22 -5.38 -6.18 -24.43
C ASN B 22 -4.58 -5.19 -25.28
N VAL B 23 -3.26 -5.28 -25.18
CA VAL B 23 -2.41 -4.37 -25.92
C VAL B 23 -2.48 -4.69 -27.42
N THR B 24 -2.48 -5.98 -27.75
CA THR B 24 -2.57 -6.36 -29.17
C THR B 24 -3.85 -5.77 -29.75
N HIS B 25 -4.95 -5.90 -28.99
CA HIS B 25 -6.24 -5.43 -29.49
C HIS B 25 -6.31 -3.92 -29.64
N ILE B 26 -5.76 -3.21 -28.67
CA ILE B 26 -5.72 -1.74 -28.79
C ILE B 26 -4.91 -1.34 -30.03
N LYS B 27 -3.75 -1.98 -30.23
CA LYS B 27 -2.86 -1.66 -31.35
C LYS B 27 -3.57 -1.91 -32.69
N GLU B 28 -4.35 -2.99 -32.76
CA GLU B 28 -5.14 -3.26 -33.95
C GLU B 28 -6.31 -2.28 -34.14
N PHE B 29 -6.85 -1.75 -33.03
CA PHE B 29 -7.99 -0.83 -33.08
C PHE B 29 -7.65 0.59 -33.57
N ILE B 30 -6.53 1.14 -33.09
CA ILE B 30 -6.08 2.50 -33.48
C ILE B 30 -5.39 2.45 -34.83
N PRO B 31 -5.14 3.63 -35.47
CA PRO B 31 -4.39 3.66 -36.74
C PRO B 31 -2.97 3.09 -36.63
N SER B 32 -2.44 2.53 -37.70
CA SER B 32 -1.24 1.69 -37.62
C SER B 32 0.04 2.51 -37.45
N ASP B 33 -0.06 3.82 -37.65
CA ASP B 33 1.07 4.71 -37.41
C ASP B 33 0.98 5.43 -36.06
N VAL B 34 0.15 4.94 -35.18
CA VAL B 34 0.00 5.54 -33.87
C VAL B 34 0.65 4.64 -32.82
N GLU B 35 1.55 5.19 -32.03
CA GLU B 35 2.28 4.41 -31.03
C GLU B 35 1.48 4.26 -29.74
N ILE B 36 1.90 3.35 -28.87
CA ILE B 36 1.25 3.19 -27.56
C ILE B 36 2.33 3.37 -26.51
N PHE B 37 2.09 4.24 -25.53
CA PHE B 37 2.84 4.23 -24.27
C PHE B 37 2.14 3.23 -23.40
N ALA B 38 2.90 2.31 -22.85
CA ALA B 38 2.38 1.46 -21.79
C ALA B 38 2.56 2.19 -20.47
N VAL B 39 1.45 2.46 -19.78
CA VAL B 39 1.51 3.25 -18.56
C VAL B 39 1.62 2.32 -17.36
N VAL B 40 2.80 2.32 -16.75
CA VAL B 40 3.12 1.44 -15.62
C VAL B 40 3.20 2.10 -14.24
N GLY B 42 2.58 3.37 -10.56
CA GLY B 42 1.89 2.74 -9.44
C GLY B 42 2.16 1.25 -9.39
N ASN B 43 3.42 0.87 -9.58
CA ASN B 43 3.80 -0.53 -9.63
C ASN B 43 3.03 -1.25 -10.71
N ALA B 44 2.99 -0.66 -11.91
CA ALA B 44 2.07 -1.09 -12.99
C ALA B 44 0.65 -1.41 -12.48
N TYR B 45 0.03 -0.39 -11.91
CA TYR B 45 -1.30 -0.51 -11.35
C TYR B 45 -1.44 -1.77 -10.50
N GLY B 46 -0.40 -2.06 -9.69
CA GLY B 46 -0.48 -3.20 -8.79
C GLY B 46 0.00 -4.52 -9.42
N HIS B 47 0.35 -4.52 -10.72
CA HIS B 47 0.66 -5.75 -11.46
C HIS B 47 2.17 -6.01 -11.51
N ASP B 48 2.97 -5.03 -11.07
CA ASP B 48 4.46 -5.03 -11.05
C ASP B 48 5.12 -4.38 -12.27
N TYR B 49 5.96 -3.38 -11.98
CA TYR B 49 6.58 -2.55 -13.00
C TYR B 49 7.11 -3.34 -14.19
N VAL B 50 7.97 -4.33 -13.90
CA VAL B 50 8.87 -4.86 -14.91
C VAL B 50 8.20 -5.86 -15.85
N PRO B 51 7.55 -6.89 -15.30
CA PRO B 51 6.95 -7.79 -16.26
C PRO B 51 5.83 -7.20 -17.09
N VAL B 52 5.11 -6.18 -16.59
CA VAL B 52 4.07 -5.58 -17.41
C VAL B 52 4.72 -4.79 -18.55
N ALA B 53 5.72 -3.97 -18.19
CA ALA B 53 6.48 -3.23 -19.21
C ALA B 53 6.94 -4.17 -20.30
N LYS B 54 7.60 -5.25 -19.90
CA LYS B 54 8.16 -6.20 -20.86
C LYS B 54 7.13 -6.81 -21.80
N ILE B 55 6.04 -7.34 -21.26
CA ILE B 55 5.04 -7.96 -22.11
C ILE B 55 4.29 -6.97 -23.02
N ALA B 56 4.04 -5.76 -22.51
CA ALA B 56 3.44 -4.67 -23.31
C ALA B 56 4.29 -4.34 -24.52
N LEU B 57 5.61 -4.24 -24.31
CA LEU B 57 6.56 -4.02 -25.43
C LEU B 57 6.58 -5.18 -26.41
N GLU B 58 6.59 -6.41 -25.89
CA GLU B 58 6.50 -7.60 -26.75
C GLU B 58 5.22 -7.56 -27.57
N ALA B 59 4.17 -7.00 -26.98
CA ALA B 59 2.88 -6.89 -27.64
C ALA B 59 2.75 -5.73 -28.64
N GLY B 60 3.77 -4.89 -28.74
CA GLY B 60 3.77 -3.80 -29.73
C GLY B 60 3.66 -2.38 -29.20
N ALA B 61 3.42 -2.20 -27.89
CA ALA B 61 3.67 -0.89 -27.28
C ALA B 61 5.12 -0.52 -27.61
N THR B 62 5.44 0.76 -27.81
CA THR B 62 6.84 1.12 -28.15
C THR B 62 7.51 2.00 -27.11
N ARG B 63 6.72 2.48 -26.15
CA ARG B 63 7.18 3.46 -25.18
C ARG B 63 6.46 3.20 -23.85
N LEU B 64 7.04 3.74 -22.78
CA LEU B 64 6.56 3.49 -21.41
C LEU B 64 6.39 4.83 -20.69
N ALA B 65 5.52 4.86 -19.70
CA ALA B 65 5.28 6.09 -18.95
C ALA B 65 5.11 5.70 -17.48
N VAL B 66 5.68 6.50 -16.61
CA VAL B 66 5.70 6.32 -15.17
C VAL B 66 5.39 7.64 -14.46
N ALA B 67 5.10 7.61 -13.16
CA ALA B 67 4.74 8.82 -12.41
C ALA B 67 5.93 9.66 -12.00
N PHE B 68 7.02 9.03 -11.56
CA PHE B 68 8.21 9.77 -11.08
C PHE B 68 9.50 9.03 -11.36
N LEU B 69 10.63 9.73 -11.28
CA LEU B 69 11.91 9.20 -11.81
C LEU B 69 12.30 7.81 -11.27
N ASP B 70 12.16 7.58 -9.97
CA ASP B 70 12.59 6.35 -9.35
C ASP B 70 11.89 5.17 -10.03
N GLU B 71 10.66 5.30 -10.44
CA GLU B 71 9.93 4.21 -11.10
C GLU B 71 10.58 3.91 -12.46
N ALA B 72 11.05 4.94 -13.14
CA ALA B 72 11.75 4.76 -14.41
C ALA B 72 13.05 4.00 -14.22
N LEU B 73 13.73 4.24 -13.10
CA LEU B 73 15.04 3.58 -12.85
C LEU B 73 14.88 2.11 -12.50
N VAL B 74 13.74 1.75 -11.93
CA VAL B 74 13.42 0.32 -11.75
C VAL B 74 13.45 -0.37 -13.14
N LEU B 75 12.78 0.23 -14.12
CA LEU B 75 12.74 -0.35 -15.48
C LEU B 75 14.15 -0.39 -16.12
N ARG B 76 14.90 0.69 -15.99
CA ARG B 76 16.20 0.76 -16.62
C ARG B 76 17.11 -0.32 -16.03
N ARG B 77 17.03 -0.51 -14.71
CA ARG B 77 17.84 -1.53 -14.05
C ARG B 77 17.41 -2.95 -14.44
N ALA B 78 16.14 -3.12 -14.83
CA ALA B 78 15.73 -4.43 -15.39
C ALA B 78 16.18 -4.66 -16.86
N GLY B 79 16.95 -3.72 -17.41
CA GLY B 79 17.55 -3.88 -18.73
C GLY B 79 16.58 -3.44 -19.81
N ILE B 80 15.49 -2.77 -19.41
CA ILE B 80 14.55 -2.26 -20.42
C ILE B 80 15.14 -1.04 -21.09
N THR B 81 15.09 -0.99 -22.42
CA THR B 81 15.77 0.10 -23.17
C THR B 81 14.83 0.98 -23.98
N ALA B 82 13.54 0.66 -24.00
CA ALA B 82 12.49 1.50 -24.63
C ALA B 82 12.40 2.89 -24.01
N PRO B 83 11.94 3.92 -24.78
CA PRO B 83 11.78 5.26 -24.23
C PRO B 83 10.88 5.26 -22.99
N ILE B 84 11.20 6.10 -22.00
CA ILE B 84 10.37 6.19 -20.80
C ILE B 84 10.10 7.66 -20.49
N LEU B 85 8.84 8.02 -20.36
CA LEU B 85 8.46 9.37 -19.93
C LEU B 85 7.96 9.37 -18.48
N VAL B 86 8.48 10.31 -17.68
CA VAL B 86 7.90 10.66 -16.39
C VAL B 86 6.75 11.66 -16.56
N LEU B 87 5.54 11.24 -16.17
CA LEU B 87 4.33 12.01 -16.45
C LEU B 87 4.07 13.02 -15.34
N GLY B 88 4.51 12.70 -14.12
CA GLY B 88 4.26 13.54 -12.94
C GLY B 88 5.30 14.65 -12.93
N PRO B 89 5.14 15.62 -12.00
CA PRO B 89 6.11 16.71 -11.87
C PRO B 89 7.36 16.19 -11.15
N SER B 90 8.52 16.71 -11.52
CA SER B 90 9.81 16.24 -11.00
C SER B 90 10.57 17.48 -10.55
N PRO B 91 11.39 17.34 -9.51
CA PRO B 91 12.24 18.44 -9.09
C PRO B 91 13.38 18.66 -10.07
N PRO B 92 13.88 19.90 -10.18
CA PRO B 92 14.99 20.23 -11.06
C PRO B 92 16.26 19.41 -10.73
N ARG B 93 16.45 19.07 -9.46
CA ARG B 93 17.61 18.28 -9.08
C ARG B 93 17.63 16.93 -9.83
N ASP B 94 16.51 16.55 -10.44
CA ASP B 94 16.47 15.33 -11.24
C ASP B 94 17.22 15.40 -12.58
N ILE B 95 17.61 16.62 -13.01
CA ILE B 95 18.05 16.88 -14.41
C ILE B 95 19.09 15.88 -14.93
N ASN B 96 20.24 15.79 -14.25
CA ASN B 96 21.35 14.99 -14.73
C ASN B 96 21.14 13.47 -14.62
N VAL B 97 20.54 13.03 -13.52
CA VAL B 97 20.17 11.63 -13.39
C VAL B 97 19.19 11.15 -14.48
N ALA B 98 18.18 11.96 -14.79
CA ALA B 98 17.25 11.56 -15.86
C ALA B 98 18.01 11.47 -17.20
N ALA B 99 18.91 12.43 -17.42
CA ALA B 99 19.79 12.38 -18.60
C ALA B 99 20.65 11.13 -18.65
N GLU B 100 21.42 10.86 -17.58
CA GLU B 100 22.38 9.76 -17.60
C GLU B 100 21.63 8.44 -17.77
N ASN B 101 20.32 8.46 -17.45
CA ASN B 101 19.51 7.23 -17.50
C ASN B 101 18.56 7.16 -18.68
N ASP B 102 18.69 8.11 -19.61
CA ASP B 102 17.86 8.12 -20.82
C ASP B 102 16.35 8.18 -20.49
N VAL B 103 16.01 8.97 -19.50
CA VAL B 103 14.60 9.12 -19.15
C VAL B 103 14.12 10.51 -19.49
N ALA B 104 13.02 10.63 -20.20
CA ALA B 104 12.42 11.94 -20.50
C ALA B 104 11.54 12.41 -19.35
N LEU B 105 11.60 13.70 -19.02
CA LEU B 105 10.73 14.24 -17.99
C LEU B 105 9.68 15.16 -18.58
N THR B 106 8.58 15.31 -17.85
CA THR B 106 7.59 16.32 -18.14
C THR B 106 8.14 17.63 -17.60
N VAL B 107 8.26 18.65 -18.44
CA VAL B 107 8.82 19.95 -18.04
C VAL B 107 7.89 21.03 -18.59
N PHE B 108 7.45 21.94 -17.73
CA PHE B 108 6.44 22.94 -18.13
C PHE B 108 6.56 24.27 -17.35
N GLN B 109 7.69 24.51 -16.67
CA GLN B 109 7.80 25.70 -15.83
C GLN B 109 9.08 26.47 -16.06
N LYS B 110 8.96 27.78 -16.28
CA LYS B 110 10.14 28.64 -16.43
C LYS B 110 11.12 28.40 -15.28
N GLU B 111 10.58 28.37 -14.05
CA GLU B 111 11.38 28.30 -12.81
C GLU B 111 12.12 26.97 -12.73
N TRP B 112 11.49 25.91 -13.24
CA TRP B 112 12.17 24.63 -13.40
C TRP B 112 13.41 24.72 -14.29
N VAL B 113 13.23 25.34 -15.46
CA VAL B 113 14.34 25.67 -16.32
C VAL B 113 15.46 26.48 -15.62
N ASP B 114 15.11 27.59 -14.94
CA ASP B 114 16.15 28.44 -14.29
C ASP B 114 16.97 27.59 -13.34
N GLU B 115 16.27 26.71 -12.64
CA GLU B 115 16.90 25.84 -11.66
C GLU B 115 17.73 24.75 -12.29
N ALA B 116 17.19 24.10 -13.32
CA ALA B 116 17.95 23.13 -14.08
C ALA B 116 19.26 23.73 -14.60
N ILE B 117 19.23 24.99 -15.06
CA ILE B 117 20.44 25.74 -15.48
C ILE B 117 21.52 25.67 -14.39
N LYS B 118 21.20 26.17 -13.20
CA LYS B 118 22.07 26.01 -12.01
C LYS B 118 22.63 24.62 -11.81
N LEU B 119 21.84 23.59 -12.09
CA LEU B 119 22.15 22.27 -11.56
C LEU B 119 22.78 21.33 -12.60
N TRP B 120 22.81 21.77 -13.86
CA TRP B 120 23.31 20.96 -14.99
C TRP B 120 24.79 20.44 -14.84
N ASP B 121 25.01 19.17 -15.22
CA ASP B 121 26.33 18.51 -15.14
C ASP B 121 27.28 19.05 -16.21
N GLY B 122 26.78 19.98 -17.02
CA GLY B 122 27.60 20.58 -18.06
C GLY B 122 27.94 19.61 -19.18
N SER B 123 27.47 18.37 -19.03
CA SER B 123 27.82 17.25 -19.89
C SER B 123 26.55 16.53 -20.38
N SER B 124 25.57 16.38 -19.50
CA SER B 124 24.34 15.65 -19.85
C SER B 124 23.38 16.45 -20.79
N THR B 125 22.72 15.75 -21.72
CA THR B 125 21.57 16.31 -22.45
C THR B 125 20.27 15.59 -22.01
N MET B 126 19.25 16.33 -21.59
CA MET B 126 17.98 15.68 -21.11
C MET B 126 16.80 15.91 -22.06
N LYS B 127 16.07 14.84 -22.40
CA LYS B 127 14.86 14.95 -23.21
C LYS B 127 13.62 15.28 -22.35
N TYR B 128 12.68 16.07 -22.89
CA TYR B 128 11.49 16.44 -22.11
C TYR B 128 10.24 16.57 -22.98
N HIS B 129 9.07 16.42 -22.38
CA HIS B 129 7.81 16.65 -23.08
C HIS B 129 7.16 17.81 -22.40
N ILE B 130 6.51 18.67 -23.18
CA ILE B 130 5.70 19.72 -22.62
C ILE B 130 4.31 19.21 -22.31
N ASN B 131 3.87 19.41 -21.08
CA ASN B 131 2.49 19.14 -20.67
C ASN B 131 1.72 20.46 -20.74
N PHE B 132 0.67 20.48 -21.56
CA PHE B 132 -0.30 21.56 -21.54
C PHE B 132 -1.48 21.11 -20.74
N ASP B 133 -1.90 21.97 -19.82
CA ASP B 133 -3.05 21.68 -19.00
C ASP B 133 -4.23 22.28 -19.80
N SER B 134 -5.04 21.43 -20.42
CA SER B 134 -6.20 21.91 -21.20
C SER B 134 -7.50 21.85 -20.40
N GLY B 135 -7.39 21.56 -19.10
CA GLY B 135 -8.57 21.45 -18.24
C GLY B 135 -8.54 20.39 -17.16
N MET B 136 -7.46 19.61 -17.09
CA MET B 136 -7.28 18.66 -15.97
C MET B 136 -6.96 19.44 -14.67
N GLY B 137 -6.34 20.62 -14.81
CA GLY B 137 -6.08 21.47 -13.64
C GLY B 137 -4.99 20.94 -12.70
N ARG B 138 -4.15 20.03 -13.19
CA ARG B 138 -3.18 19.33 -12.32
C ARG B 138 -1.74 19.86 -12.48
N ILE B 139 -1.08 19.51 -13.59
CA ILE B 139 0.12 20.25 -13.98
C ILE B 139 0.02 20.61 -15.46
N GLY B 140 1.01 21.37 -15.94
CA GLY B 140 1.04 21.78 -17.33
C GLY B 140 0.82 23.27 -17.48
N ILE B 141 1.25 23.76 -18.63
CA ILE B 141 1.10 25.16 -19.04
C ILE B 141 -0.36 25.43 -19.39
N ARG B 142 -0.93 26.51 -18.86
CA ARG B 142 -2.31 26.87 -19.20
C ARG B 142 -2.42 28.08 -20.12
N GLU B 143 -1.54 29.06 -19.96
CA GLU B 143 -1.69 30.38 -20.61
C GLU B 143 -0.74 30.65 -21.73
N ARG B 144 -1.10 31.65 -22.52
CA ARG B 144 -0.33 32.01 -23.69
C ARG B 144 0.97 32.72 -23.27
N LYS B 145 0.84 33.73 -22.41
CA LYS B 145 2.00 34.42 -21.87
C LYS B 145 2.93 33.49 -21.07
N GLU B 146 2.35 32.60 -20.26
CA GLU B 146 3.09 31.54 -19.57
C GLU B 146 3.97 30.71 -20.54
N LEU B 147 3.36 30.17 -21.59
CA LEU B 147 4.11 29.41 -22.61
C LEU B 147 5.24 30.22 -23.25
N LYS B 148 4.94 31.45 -23.63
CA LYS B 148 5.94 32.34 -24.21
C LYS B 148 7.14 32.51 -23.27
N GLY B 149 6.88 32.71 -21.99
CA GLY B 149 7.94 32.90 -21.00
C GLY B 149 8.74 31.64 -20.77
N PHE B 150 8.07 30.50 -20.85
CA PHE B 150 8.69 29.21 -20.69
C PHE B 150 9.67 28.93 -21.83
N LEU B 151 9.19 29.15 -23.05
CA LEU B 151 9.99 28.99 -24.26
C LEU B 151 11.18 29.93 -24.30
N LYS B 152 10.99 31.17 -23.85
CA LYS B 152 12.11 32.13 -23.73
C LYS B 152 13.19 31.65 -22.73
N SER B 153 12.81 31.07 -21.60
CA SER B 153 13.78 30.56 -20.63
C SER B 153 14.55 29.34 -21.17
N LEU B 154 13.90 28.54 -22.03
CA LEU B 154 14.55 27.39 -22.64
C LEU B 154 15.75 27.80 -23.46
N GLU B 155 15.74 29.05 -23.95
CA GLU B 155 16.85 29.54 -24.75
C GLU B 155 18.17 29.40 -24.03
N GLY B 156 18.12 29.51 -22.71
CA GLY B 156 19.31 29.38 -21.89
C GLY B 156 19.66 27.93 -21.58
N ALA B 157 18.91 26.99 -22.14
CA ALA B 157 19.10 25.57 -21.82
C ALA B 157 19.24 24.62 -23.01
N PRO B 158 20.28 24.82 -23.85
CA PRO B 158 20.42 23.95 -25.04
C PRO B 158 20.55 22.46 -24.70
N PHE B 159 20.91 22.16 -23.45
CA PHE B 159 20.97 20.78 -23.01
C PHE B 159 19.59 20.11 -22.80
N LEU B 160 18.53 20.92 -22.82
CA LEU B 160 17.17 20.39 -22.74
C LEU B 160 16.62 20.24 -24.14
N GLU B 161 16.07 19.07 -24.43
CA GLU B 161 15.63 18.79 -25.81
C GLU B 161 14.18 18.31 -25.92
N LEU B 162 13.33 19.08 -26.62
CA LEU B 162 11.94 18.69 -26.77
C LEU B 162 11.78 17.33 -27.47
N GLU B 163 11.03 16.43 -26.85
CA GLU B 163 10.69 15.16 -27.47
C GLU B 163 9.20 15.09 -27.83
N GLY B 164 8.33 15.77 -27.08
CA GLY B 164 6.93 15.64 -27.44
C GLY B 164 6.09 16.61 -26.70
N VAL B 165 4.82 16.65 -27.06
CA VAL B 165 3.89 17.60 -26.44
C VAL B 165 2.61 16.84 -26.13
N TYR B 166 2.04 17.05 -24.95
CA TYR B 166 0.85 16.30 -24.59
C TYR B 166 -0.16 17.06 -23.77
N THR B 167 -1.37 16.51 -23.69
CA THR B 167 -2.31 16.97 -22.68
C THR B 167 -3.05 15.76 -22.16
N HIS B 168 -3.92 15.97 -21.16
CA HIS B 168 -4.64 14.87 -20.51
C HIS B 168 -6.11 15.30 -20.23
N PHE B 169 -7.03 14.36 -20.48
CA PHE B 169 -8.46 14.59 -20.33
C PHE B 169 -8.99 14.17 -18.97
N ALA B 170 -9.82 15.05 -18.39
CA ALA B 170 -10.36 14.82 -17.04
C ALA B 170 -11.66 14.03 -17.06
N THR B 171 -12.32 14.00 -18.21
CA THR B 171 -13.70 13.50 -18.26
C THR B 171 -13.97 12.51 -19.40
N ALA B 172 -12.92 11.89 -19.94
CA ALA B 172 -13.13 10.93 -21.04
C ALA B 172 -14.00 9.73 -20.66
N ASP B 173 -14.14 9.46 -19.37
CA ASP B 173 -14.94 8.37 -18.88
C ASP B 173 -16.41 8.70 -18.52
N GLU B 174 -16.87 9.88 -18.95
CA GLU B 174 -18.28 10.30 -18.80
C GLU B 174 -18.94 10.26 -20.18
N VAL B 175 -20.17 9.77 -20.24
CA VAL B 175 -20.89 9.62 -21.50
C VAL B 175 -20.97 10.93 -22.23
N GLU B 176 -21.43 11.95 -21.52
CA GLU B 176 -21.72 13.24 -22.13
C GLU B 176 -20.38 13.95 -22.28
N THR B 177 -20.16 14.58 -23.43
CA THR B 177 -18.78 14.94 -23.83
C THR B 177 -18.45 16.44 -23.78
N SER B 178 -19.27 17.26 -23.13
CA SER B 178 -19.11 18.74 -23.20
C SER B 178 -17.74 19.22 -22.72
N TYR B 179 -17.35 18.77 -21.54
CA TYR B 179 -16.07 19.19 -20.96
C TYR B 179 -14.89 18.70 -21.83
N PHE B 180 -15.00 17.47 -22.29
CA PHE B 180 -14.01 16.87 -23.20
C PHE B 180 -13.86 17.69 -24.49
N ASP B 181 -14.99 18.07 -25.09
CA ASP B 181 -14.95 18.88 -26.31
C ASP B 181 -14.24 20.22 -26.04
N LYS B 182 -14.49 20.83 -24.86
CA LYS B 182 -13.82 22.11 -24.48
C LYS B 182 -12.29 21.92 -24.29
N GLN B 183 -11.89 20.86 -23.60
CA GLN B 183 -10.47 20.50 -23.56
C GLN B 183 -9.85 20.37 -24.96
N TYR B 184 -10.51 19.62 -25.85
CA TYR B 184 -9.95 19.45 -27.20
C TYR B 184 -9.73 20.79 -27.88
N ASN B 185 -10.72 21.68 -27.79
CA ASN B 185 -10.61 23.03 -28.32
C ASN B 185 -9.54 23.89 -27.65
N THR B 186 -9.43 23.79 -26.33
CA THR B 186 -8.34 24.48 -25.64
C THR B 186 -6.97 23.95 -26.08
N PHE B 187 -6.86 22.63 -26.20
CA PHE B 187 -5.58 22.07 -26.61
C PHE B 187 -5.23 22.52 -28.03
N LEU B 188 -6.23 22.61 -28.90
CA LEU B 188 -6.01 23.07 -30.27
C LEU B 188 -5.42 24.47 -30.30
N GLU B 189 -5.99 25.34 -29.47
CA GLU B 189 -5.52 26.74 -29.37
C GLU B 189 -4.08 26.75 -28.83
N GLN B 190 -3.83 25.89 -27.85
CA GLN B 190 -2.52 25.83 -27.25
C GLN B 190 -1.45 25.39 -28.24
N LEU B 191 -1.77 24.40 -29.07
CA LEU B 191 -0.82 23.97 -30.11
C LEU B 191 -0.62 25.09 -31.12
N SER B 192 -1.67 25.87 -31.34
CA SER B 192 -1.53 27.02 -32.28
C SER B 192 -0.52 28.04 -31.73
N TRP B 193 -0.56 28.28 -30.42
CA TRP B 193 0.39 29.24 -29.81
C TRP B 193 1.79 28.69 -30.01
N LEU B 194 1.93 27.41 -29.72
CA LEU B 194 3.21 26.76 -29.93
C LEU B 194 3.73 26.91 -31.38
N LYS B 195 2.87 26.67 -32.39
CA LYS B 195 3.28 26.93 -33.78
C LYS B 195 3.59 28.41 -33.95
N GLU B 196 2.71 29.27 -33.46
CA GLU B 196 3.00 30.71 -33.55
C GLU B 196 4.40 31.04 -33.01
N PHE B 197 4.77 30.48 -31.87
CA PHE B 197 6.07 30.79 -31.25
C PHE B 197 7.25 30.00 -31.86
N GLY B 198 7.03 29.39 -33.03
CA GLY B 198 8.11 28.79 -33.81
C GLY B 198 8.48 27.36 -33.44
N VAL B 199 7.62 26.66 -32.68
CA VAL B 199 7.96 25.32 -32.25
C VAL B 199 7.11 24.23 -32.90
N ASP B 200 7.80 23.28 -33.51
CA ASP B 200 7.19 22.06 -33.98
C ASP B 200 6.99 21.15 -32.77
N PRO B 201 5.82 20.60 -32.64
CA PRO B 201 5.50 19.70 -31.55
C PRO B 201 6.35 18.45 -31.63
N LYS B 202 6.59 18.01 -32.85
CA LYS B 202 7.36 16.82 -33.12
C LYS B 202 6.51 15.59 -32.98
N PHE B 203 5.91 15.46 -31.81
CA PHE B 203 5.32 14.15 -31.44
C PHE B 203 4.27 14.51 -30.39
N VAL B 204 3.00 14.33 -30.75
CA VAL B 204 1.90 14.76 -29.93
C VAL B 204 1.09 13.58 -29.42
N HIS B 205 0.77 13.60 -28.12
CA HIS B 205 -0.10 12.56 -27.55
C HIS B 205 -1.13 13.15 -26.58
N THR B 206 -2.35 12.59 -26.57
CA THR B 206 -3.36 13.16 -25.67
C THR B 206 -4.21 12.12 -24.94
N ALA B 207 -4.43 10.95 -25.56
CA ALA B 207 -5.51 10.04 -25.14
C ALA B 207 -5.12 9.03 -24.08
N ASN B 208 -5.97 8.89 -23.08
CA ASN B 208 -5.83 7.80 -22.12
C ASN B 208 -6.72 6.65 -22.63
N SER B 209 -6.97 5.63 -21.80
CA SER B 209 -7.68 4.44 -22.25
C SER B 209 -9.06 4.81 -22.77
N ALA B 210 -9.79 5.58 -21.98
CA ALA B 210 -11.14 5.93 -22.31
C ALA B 210 -11.27 6.78 -23.59
N ALA B 211 -10.43 7.81 -23.72
CA ALA B 211 -10.42 8.60 -24.95
C ALA B 211 -10.08 7.74 -26.18
N THR B 212 -9.02 6.94 -26.09
CA THR B 212 -8.57 6.08 -27.19
C THR B 212 -9.72 5.14 -27.61
N LEU B 213 -10.42 4.57 -26.64
CA LEU B 213 -11.44 3.58 -27.00
C LEU B 213 -12.75 4.20 -27.56
N ARG B 214 -12.89 5.53 -27.48
CA ARG B 214 -14.17 6.16 -27.80
C ARG B 214 -14.14 7.05 -29.03
N PHE B 215 -13.07 7.82 -29.15
CA PHE B 215 -13.15 9.07 -29.90
C PHE B 215 -12.33 9.10 -31.18
N GLN B 216 -12.96 9.59 -32.24
CA GLN B 216 -12.29 9.95 -33.49
C GLN B 216 -11.45 11.22 -33.38
N GLY B 217 -10.29 11.21 -34.05
CA GLY B 217 -9.52 12.43 -34.22
C GLY B 217 -8.65 12.72 -33.02
N ILE B 218 -8.49 11.72 -32.16
CA ILE B 218 -7.87 11.89 -30.83
C ILE B 218 -6.47 11.22 -30.65
N THR B 219 -6.13 10.34 -31.56
CA THR B 219 -4.89 9.63 -31.55
C THR B 219 -3.59 10.39 -31.73
N PHE B 220 -3.56 11.39 -32.59
CA PHE B 220 -2.32 12.08 -32.83
C PHE B 220 -1.19 11.12 -33.21
N ASN B 221 -0.04 11.24 -32.59
CA ASN B 221 1.05 10.37 -32.84
C ASN B 221 1.18 9.18 -31.87
N ALA B 222 0.47 9.24 -30.77
CA ALA B 222 0.48 8.17 -29.79
C ALA B 222 -0.63 8.32 -28.75
N VAL B 223 -0.98 7.21 -28.10
CA VAL B 223 -1.95 7.17 -26.99
C VAL B 223 -1.26 6.63 -25.73
N ARG B 224 -1.79 6.97 -24.56
CA ARG B 224 -1.18 6.53 -23.31
C ARG B 224 -2.16 5.62 -22.60
N ILE B 225 -1.84 4.32 -22.62
CA ILE B 225 -2.78 3.33 -22.12
C ILE B 225 -2.44 2.83 -20.72
N GLY B 226 -3.35 3.04 -19.77
CA GLY B 226 -3.17 2.32 -18.52
C GLY B 226 -4.22 1.30 -18.27
N ILE B 227 -5.31 1.72 -17.64
CA ILE B 227 -6.34 0.79 -17.14
C ILE B 227 -6.78 -0.25 -18.18
N ALA B 228 -6.85 0.12 -19.46
CA ALA B 228 -7.38 -0.85 -20.45
C ALA B 228 -6.38 -1.97 -20.74
N MET B 229 -5.09 -1.66 -20.62
CA MET B 229 -4.05 -2.68 -20.71
C MET B 229 -4.17 -3.77 -19.64
N TYR B 230 -4.65 -3.36 -18.47
CA TYR B 230 -4.83 -4.30 -17.36
C TYR B 230 -6.18 -4.98 -17.46
N GLY B 231 -6.95 -4.60 -18.48
CA GLY B 231 -8.16 -5.34 -18.89
C GLY B 231 -9.39 -4.89 -18.12
N LEU B 232 -9.39 -3.64 -17.62
CA LEU B 232 -10.53 -3.10 -16.88
C LEU B 232 -11.10 -1.82 -17.54
N SER B 233 -12.40 -1.59 -17.42
CA SER B 233 -13.03 -0.36 -17.94
C SER B 233 -12.66 0.88 -17.13
N PRO B 234 -12.35 2.00 -17.82
CA PRO B 234 -12.10 3.23 -17.08
C PRO B 234 -13.29 3.66 -16.22
N SER B 235 -14.52 3.34 -16.64
CA SER B 235 -15.68 3.54 -15.73
C SER B 235 -16.73 2.56 -16.05
N VAL B 236 -17.69 2.42 -15.14
CA VAL B 236 -18.93 1.67 -15.45
C VAL B 236 -19.81 2.27 -16.56
N GLU B 237 -19.90 3.60 -16.59
CA GLU B 237 -20.73 4.36 -17.56
C GLU B 237 -20.38 4.05 -19.03
N ILE B 238 -19.08 3.89 -19.31
CA ILE B 238 -18.66 3.70 -20.70
C ILE B 238 -18.46 2.24 -21.09
N ARG B 239 -18.51 1.34 -20.11
CA ARG B 239 -18.32 -0.08 -20.34
C ARG B 239 -19.24 -0.57 -21.47
N PRO B 240 -20.50 -0.11 -21.48
CA PRO B 240 -21.41 -0.57 -22.52
C PRO B 240 -20.87 -0.25 -23.92
N PHE B 241 -19.97 0.72 -24.02
CA PHE B 241 -19.66 1.34 -25.31
C PHE B 241 -18.25 1.03 -25.83
N LEU B 242 -17.51 0.24 -25.10
CA LEU B 242 -16.17 -0.15 -25.53
C LEU B 242 -16.23 -1.06 -26.75
N PRO B 243 -15.24 -0.92 -27.66
CA PRO B 243 -15.39 -1.58 -28.96
C PRO B 243 -15.08 -3.06 -28.94
N PHE B 244 -14.39 -3.56 -27.90
CA PHE B 244 -14.11 -4.99 -27.81
C PHE B 244 -13.97 -5.34 -26.33
N LYS B 245 -13.97 -6.64 -26.06
CA LYS B 245 -14.00 -7.14 -24.69
C LYS B 245 -12.62 -7.00 -24.01
N LEU B 246 -12.58 -6.40 -22.82
CA LEU B 246 -11.32 -6.28 -22.11
C LEU B 246 -11.06 -7.50 -21.24
N GLU B 247 -9.82 -7.96 -21.17
CA GLU B 247 -9.49 -9.20 -20.43
C GLU B 247 -8.70 -8.88 -19.14
N PRO B 248 -9.35 -8.99 -17.99
CA PRO B 248 -8.72 -8.49 -16.74
C PRO B 248 -7.49 -9.36 -16.40
N ALA B 249 -6.37 -8.74 -16.06
CA ALA B 249 -5.09 -9.47 -15.93
C ALA B 249 -4.82 -9.96 -14.48
N LEU B 250 -5.44 -9.31 -13.52
CA LEU B 250 -5.09 -9.54 -12.12
C LEU B 250 -6.16 -10.30 -11.33
N SER B 251 -5.74 -11.29 -10.55
CA SER B 251 -6.63 -11.80 -9.53
C SER B 251 -5.89 -11.89 -8.21
N LEU B 252 -6.63 -11.98 -7.12
CA LEU B 252 -6.02 -12.00 -5.80
C LEU B 252 -6.66 -13.12 -4.98
N HIS B 253 -5.79 -14.03 -4.51
CA HIS B 253 -6.22 -15.23 -3.76
C HIS B 253 -5.48 -15.43 -2.46
N THR B 254 -6.09 -16.26 -1.61
CA THR B 254 -5.52 -16.68 -0.35
C THR B 254 -6.07 -18.08 -0.03
N LYS B 255 -5.68 -18.65 1.09
CA LYS B 255 -6.17 -19.98 1.48
C LYS B 255 -6.77 -19.90 2.86
N VAL B 256 -7.68 -20.82 3.16
CA VAL B 256 -8.19 -20.93 4.51
C VAL B 256 -7.05 -21.39 5.41
N ALA B 257 -6.68 -20.55 6.37
CA ALA B 257 -5.56 -20.83 7.29
C ALA B 257 -6.08 -21.40 8.59
N HIS B 258 -7.36 -21.18 8.90
CA HIS B 258 -7.96 -21.85 10.07
C HIS B 258 -9.42 -21.95 9.78
N ILE B 259 -10.06 -22.97 10.34
CA ILE B 259 -11.50 -23.10 10.26
C ILE B 259 -12.01 -23.69 11.60
N LYS B 260 -13.15 -23.21 12.08
CA LYS B 260 -13.68 -23.67 13.38
C LYS B 260 -15.18 -23.39 13.39
N GLN B 261 -15.89 -24.10 14.25
CA GLN B 261 -17.30 -23.86 14.51
C GLN B 261 -17.39 -23.02 15.75
N VAL B 262 -18.07 -21.88 15.66
CA VAL B 262 -18.11 -20.94 16.78
C VAL B 262 -19.56 -20.95 17.28
N ILE B 263 -19.76 -21.17 18.57
CA ILE B 263 -21.10 -21.21 19.15
C ILE B 263 -21.92 -19.94 18.96
N LYS B 264 -23.25 -20.09 18.98
CA LYS B 264 -24.16 -18.95 18.88
C LYS B 264 -23.77 -17.85 19.87
N GLY B 265 -23.65 -16.62 19.37
CA GLY B 265 -23.51 -15.44 20.25
C GLY B 265 -22.07 -15.03 20.50
N ASP B 266 -21.10 -15.85 20.09
CA ASP B 266 -19.68 -15.52 20.31
C ASP B 266 -19.15 -14.48 19.35
N GLY B 267 -18.14 -13.73 19.79
CA GLY B 267 -17.72 -12.56 19.04
C GLY B 267 -16.56 -12.86 18.10
N ILE B 268 -16.45 -12.09 17.01
CA ILE B 268 -15.35 -12.27 16.07
C ILE B 268 -14.63 -10.91 15.90
N SER B 269 -13.32 -10.93 16.18
CA SER B 269 -12.39 -9.82 15.89
C SER B 269 -12.53 -8.58 16.79
N TYR B 270 -11.78 -7.52 16.46
CA TYR B 270 -11.65 -6.37 17.36
C TYR B 270 -13.00 -5.72 17.63
N ASN B 271 -13.23 -5.40 18.91
CA ASN B 271 -14.39 -4.69 19.34
C ASN B 271 -15.68 -5.48 19.12
N VAL B 272 -15.54 -6.79 18.88
CA VAL B 272 -16.69 -7.72 18.85
C VAL B 272 -17.78 -7.07 17.98
N THR B 273 -17.47 -6.67 16.75
CA THR B 273 -18.49 -5.98 15.94
C THR B 273 -19.39 -6.99 15.26
N TYR B 274 -19.01 -8.25 15.40
CA TYR B 274 -19.85 -9.34 14.81
C TYR B 274 -19.94 -10.41 15.86
N ARG B 275 -21.16 -10.85 16.11
CA ARG B 275 -21.40 -12.04 16.87
C ARG B 275 -22.19 -13.01 15.99
N THR B 276 -21.88 -14.30 16.10
CA THR B 276 -22.53 -15.34 15.30
C THR B 276 -24.01 -15.45 15.71
N LYS B 277 -24.88 -15.76 14.76
CA LYS B 277 -26.34 -15.75 14.98
C LYS B 277 -26.79 -17.15 15.30
N THR B 278 -25.96 -18.13 14.94
CA THR B 278 -26.12 -19.52 15.35
C THR B 278 -24.71 -20.09 15.45
N GLU B 279 -24.61 -21.41 15.57
CA GLU B 279 -23.31 -22.06 15.53
C GLU B 279 -22.83 -21.95 14.10
N GLU B 280 -21.72 -21.25 13.89
CA GLU B 280 -21.31 -20.86 12.54
C GLU B 280 -19.90 -21.39 12.21
N TRP B 281 -19.70 -21.83 10.96
CA TRP B 281 -18.34 -22.07 10.46
C TRP B 281 -17.66 -20.74 10.12
N ILE B 282 -16.56 -20.47 10.82
CA ILE B 282 -15.80 -19.24 10.61
C ILE B 282 -14.37 -19.63 10.13
N ALA B 283 -14.00 -19.16 8.94
CA ALA B 283 -12.67 -19.40 8.35
C ALA B 283 -11.85 -18.12 8.57
N THR B 284 -10.54 -18.27 8.63
CA THR B 284 -9.62 -17.14 8.78
C THR B 284 -8.58 -17.24 7.68
N VAL B 285 -8.27 -16.13 7.02
CA VAL B 285 -7.32 -16.06 5.93
C VAL B 285 -6.19 -15.09 6.28
N ALA B 286 -5.01 -15.28 5.73
CA ALA B 286 -3.83 -14.52 6.11
C ALA B 286 -3.69 -13.40 5.08
N ILE B 287 -4.63 -12.46 5.06
CA ILE B 287 -4.45 -11.16 4.35
C ILE B 287 -5.28 -10.11 5.08
N GLY B 288 -4.79 -8.87 5.08
CA GLY B 288 -5.43 -7.86 5.88
C GLY B 288 -5.06 -6.46 5.38
N TYR B 289 -5.33 -5.45 6.17
CA TYR B 289 -5.20 -4.07 5.59
C TYR B 289 -3.77 -3.70 5.32
N ALA B 290 -2.79 -4.40 5.92
CA ALA B 290 -1.42 -4.07 5.59
C ALA B 290 -1.10 -4.55 4.18
N ASP B 291 -1.92 -5.48 3.66
CA ASP B 291 -1.78 -5.86 2.27
C ASP B 291 -2.56 -5.00 1.30
N GLY B 292 -3.31 -4.06 1.85
CA GLY B 292 -4.06 -3.11 1.05
C GLY B 292 -5.52 -3.53 1.00
N TRP B 293 -5.87 -4.61 1.72
CA TRP B 293 -7.25 -5.12 1.84
C TRP B 293 -7.93 -4.48 3.06
N LEU B 294 -8.63 -3.35 2.85
CA LEU B 294 -8.83 -2.35 3.90
C LEU B 294 -10.07 -2.67 4.72
N ARG B 295 -10.12 -2.04 5.86
CA ARG B 295 -11.15 -2.31 6.87
C ARG B 295 -12.55 -2.05 6.31
N ARG B 296 -12.66 -1.11 5.34
CA ARG B 296 -13.98 -0.80 4.76
C ARG B 296 -14.48 -1.95 3.91
N LEU B 297 -13.68 -3.01 3.73
CA LEU B 297 -14.27 -4.22 3.07
C LEU B 297 -14.98 -5.20 3.99
N GLN B 298 -15.03 -4.90 5.28
CA GLN B 298 -15.87 -5.72 6.16
C GLN B 298 -17.31 -5.83 5.65
N GLY B 299 -17.86 -7.04 5.62
CA GLY B 299 -19.19 -7.24 5.02
C GLY B 299 -19.18 -7.57 3.54
N PHE B 300 -18.05 -7.33 2.87
CA PHE B 300 -17.93 -7.69 1.44
C PHE B 300 -17.94 -9.24 1.26
N GLU B 301 -18.49 -9.78 0.18
CA GLU B 301 -18.54 -11.25 0.04
C GLU B 301 -17.40 -11.71 -0.87
N VAL B 302 -16.52 -12.58 -0.39
CA VAL B 302 -15.47 -13.18 -1.23
C VAL B 302 -15.94 -14.55 -1.78
N LEU B 303 -15.10 -15.25 -2.54
CA LEU B 303 -15.58 -16.52 -3.14
C LEU B 303 -14.89 -17.64 -2.42
N VAL B 304 -15.68 -18.61 -1.98
CA VAL B 304 -15.14 -19.87 -1.48
C VAL B 304 -15.97 -21.00 -2.05
N ASN B 305 -15.30 -21.92 -2.73
CA ASN B 305 -15.96 -23.01 -3.43
C ASN B 305 -17.05 -22.56 -4.36
N GLY B 306 -16.79 -21.47 -5.07
CA GLY B 306 -17.79 -20.97 -6.01
C GLY B 306 -18.96 -20.24 -5.35
N LYS B 307 -18.93 -20.10 -4.03
CA LYS B 307 -20.01 -19.41 -3.31
C LYS B 307 -19.52 -18.06 -2.75
N ARG B 308 -20.39 -17.06 -2.81
CA ARG B 308 -20.08 -15.77 -2.20
C ARG B 308 -20.35 -15.90 -0.71
N VAL B 309 -19.38 -15.49 0.11
CA VAL B 309 -19.51 -15.56 1.56
C VAL B 309 -19.06 -14.23 2.14
N PRO B 310 -19.59 -13.85 3.29
CA PRO B 310 -19.22 -12.55 3.86
C PRO B 310 -17.95 -12.53 4.72
N ILE B 311 -17.19 -11.44 4.62
CA ILE B 311 -16.20 -11.08 5.65
C ILE B 311 -16.95 -10.62 6.88
N VAL B 312 -16.62 -11.24 8.03
CA VAL B 312 -17.31 -10.93 9.27
C VAL B 312 -16.30 -10.43 10.31
N GLY B 313 -16.76 -9.48 11.12
CA GLY B 313 -15.90 -8.81 12.10
C GLY B 313 -14.84 -7.93 11.44
N ARG B 314 -14.14 -7.11 12.24
CA ARG B 314 -13.19 -6.18 11.70
C ARG B 314 -12.07 -6.93 10.97
N VAL B 315 -11.67 -6.39 9.82
CA VAL B 315 -10.49 -6.88 9.15
C VAL B 315 -9.33 -6.38 10.00
N THR B 316 -8.32 -7.21 10.20
CA THR B 316 -7.19 -6.82 11.02
C THR B 316 -5.98 -6.61 10.09
N MET B 317 -4.85 -6.26 10.66
CA MET B 317 -3.73 -5.82 9.84
C MET B 317 -3.29 -6.92 8.87
N ASP B 318 -3.44 -8.19 9.26
CA ASP B 318 -2.87 -9.31 8.52
C ASP B 318 -3.85 -10.45 8.27
N GLN B 319 -5.10 -10.33 8.74
CA GLN B 319 -6.02 -11.48 8.65
C GLN B 319 -7.46 -10.95 8.59
N PHE B 320 -8.37 -11.75 8.03
CA PHE B 320 -9.80 -11.49 8.25
C PHE B 320 -10.55 -12.80 8.27
N MET B 321 -11.80 -12.73 8.72
CA MET B 321 -12.60 -13.91 8.95
C MET B 321 -13.80 -13.87 8.04
N ILE B 322 -14.31 -15.07 7.71
CA ILE B 322 -15.42 -15.27 6.78
C ILE B 322 -16.41 -16.32 7.32
N HIS B 323 -17.69 -16.06 7.13
CA HIS B 323 -18.72 -16.95 7.60
C HIS B 323 -19.07 -17.86 6.43
N LEU B 324 -18.74 -19.16 6.59
CA LEU B 324 -19.05 -20.13 5.56
C LEU B 324 -20.27 -20.96 5.97
N PRO B 325 -21.08 -21.42 4.98
CA PRO B 325 -22.17 -22.31 5.32
C PRO B 325 -21.73 -23.74 5.73
N CYS B 326 -20.56 -24.19 5.27
CA CYS B 326 -20.16 -25.59 5.56
C CYS B 326 -18.69 -25.62 5.92
N GLU B 327 -18.29 -26.65 6.64
CA GLU B 327 -16.87 -26.88 6.92
C GLU B 327 -16.16 -27.07 5.60
N VAL B 328 -14.99 -26.47 5.43
CA VAL B 328 -14.13 -26.86 4.32
C VAL B 328 -12.76 -27.23 4.87
N PRO B 329 -11.90 -27.88 4.06
CA PRO B 329 -10.58 -28.25 4.56
C PRO B 329 -9.63 -27.08 4.66
N LEU B 330 -8.65 -27.17 5.58
CA LEU B 330 -7.63 -26.11 5.63
C LEU B 330 -6.91 -26.11 4.28
N GLY B 331 -6.51 -24.93 3.83
CA GLY B 331 -5.93 -24.83 2.48
C GLY B 331 -6.92 -24.56 1.35
N THR B 332 -8.21 -24.52 1.64
CA THR B 332 -9.22 -24.29 0.59
C THR B 332 -9.00 -22.87 -0.01
N LYS B 333 -9.09 -22.77 -1.34
CA LYS B 333 -8.88 -21.49 -2.07
C LYS B 333 -10.00 -20.46 -1.81
N VAL B 334 -9.58 -19.20 -1.58
CA VAL B 334 -10.45 -18.10 -1.31
C VAL B 334 -10.05 -17.03 -2.31
N THR B 335 -11.01 -16.60 -3.10
CA THR B 335 -10.71 -15.62 -4.14
C THR B 335 -11.34 -14.28 -3.81
N LEU B 336 -10.53 -13.23 -3.83
CA LEU B 336 -10.91 -11.90 -3.41
C LEU B 336 -11.19 -11.05 -4.66
N ILE B 337 -10.34 -11.25 -5.68
CA ILE B 337 -10.56 -10.72 -7.03
C ILE B 337 -10.28 -11.87 -7.98
N GLY B 338 -11.23 -12.19 -8.85
CA GLY B 338 -10.99 -13.26 -9.79
C GLY B 338 -12.16 -14.23 -9.90
N ARG B 339 -11.90 -15.36 -10.52
CA ARG B 339 -12.93 -16.32 -10.89
C ARG B 339 -12.94 -17.56 -9.98
N GLN B 340 -14.13 -18.02 -9.60
CA GLN B 340 -14.27 -19.41 -9.11
C GLN B 340 -15.50 -19.96 -9.75
N GLY B 341 -15.32 -20.92 -10.65
CA GLY B 341 -16.44 -21.56 -11.29
C GLY B 341 -17.15 -20.58 -12.18
N ASP B 342 -18.46 -20.43 -11.95
CA ASP B 342 -19.27 -19.46 -12.71
C ASP B 342 -19.21 -18.04 -12.12
N GLU B 343 -18.74 -17.92 -10.87
CA GLU B 343 -18.66 -16.65 -10.16
C GLU B 343 -17.38 -15.89 -10.48
N TYR B 344 -17.50 -14.56 -10.61
CA TYR B 344 -16.38 -13.65 -10.86
C TYR B 344 -16.53 -12.39 -10.02
N ILE B 345 -15.52 -12.09 -9.22
CA ILE B 345 -15.42 -10.78 -8.55
C ILE B 345 -14.40 -9.89 -9.27
N SER B 346 -14.88 -8.80 -9.85
CA SER B 346 -14.02 -7.87 -10.58
C SER B 346 -13.48 -6.87 -9.59
N ALA B 347 -12.34 -6.27 -9.92
CA ALA B 347 -11.80 -5.18 -9.10
C ALA B 347 -12.84 -4.05 -8.96
N THR B 348 -13.66 -3.90 -10.01
CA THR B 348 -14.72 -2.91 -9.99
C THR B 348 -15.74 -3.14 -8.84
N GLU B 349 -16.17 -4.40 -8.67
CA GLU B 349 -17.11 -4.75 -7.63
C GLU B 349 -16.54 -4.43 -6.25
N VAL B 350 -15.27 -4.80 -6.03
CA VAL B 350 -14.58 -4.46 -4.77
C VAL B 350 -14.56 -2.95 -4.57
N ALA B 351 -14.27 -2.21 -5.64
CA ALA B 351 -14.17 -0.75 -5.58
C ALA B 351 -15.55 -0.16 -5.23
N GLU B 352 -16.59 -0.68 -5.85
CA GLU B 352 -17.94 -0.12 -5.66
C GLU B 352 -18.40 -0.31 -4.21
N TYR B 353 -18.14 -1.51 -3.67
CA TYR B 353 -18.42 -1.76 -2.26
C TYR B 353 -17.63 -0.83 -1.33
N SER B 354 -16.39 -0.57 -1.73
CA SER B 354 -15.44 0.26 -0.98
C SER B 354 -15.66 1.75 -1.10
N GLY B 355 -16.54 2.14 -2.04
CA GLY B 355 -16.84 3.55 -2.35
C GLY B 355 -15.64 4.18 -3.02
N THR B 356 -14.98 3.41 -3.90
CA THR B 356 -13.86 3.96 -4.63
C THR B 356 -13.91 3.52 -6.08
N ILE B 357 -12.77 3.52 -6.77
CA ILE B 357 -12.71 3.06 -8.16
C ILE B 357 -11.69 1.93 -8.31
N ASN B 358 -11.84 1.15 -9.37
CA ASN B 358 -11.00 -0.02 -9.57
C ASN B 358 -9.51 0.30 -9.56
N TYR B 359 -9.13 1.43 -10.16
CA TYR B 359 -7.72 1.87 -10.13
C TYR B 359 -7.11 1.81 -8.74
N GLU B 360 -7.86 2.29 -7.75
CA GLU B 360 -7.28 2.42 -6.41
C GLU B 360 -7.18 1.01 -5.75
N ILE B 361 -8.16 0.17 -6.04
CA ILE B 361 -8.17 -1.25 -5.50
C ILE B 361 -6.91 -2.02 -5.95
N ILE B 362 -6.68 -2.03 -7.26
CA ILE B 362 -5.54 -2.79 -7.75
C ILE B 362 -4.20 -2.19 -7.41
N THR B 363 -4.08 -0.87 -7.51
CA THR B 363 -2.80 -0.23 -7.36
C THR B 363 -2.32 -0.29 -5.90
N THR B 364 -3.22 -0.40 -4.92
CA THR B 364 -2.80 -0.41 -3.49
C THR B 364 -2.58 -1.81 -2.88
N ILE B 365 -2.60 -2.84 -3.71
CA ILE B 365 -2.17 -4.15 -3.21
C ILE B 365 -0.65 -4.07 -2.91
N SER B 366 -0.30 -4.33 -1.65
CA SER B 366 0.92 -3.88 -1.00
C SER B 366 2.11 -4.69 -1.59
N PHE B 367 3.29 -4.17 -1.40
CA PHE B 367 4.51 -4.81 -1.78
C PHE B 367 4.74 -6.09 -0.97
N ARG B 368 3.96 -6.28 0.07
CA ARG B 368 3.99 -7.48 0.90
C ARG B 368 3.55 -8.70 0.15
N VAL B 369 2.73 -8.55 -0.86
CA VAL B 369 2.01 -9.67 -1.47
C VAL B 369 2.83 -10.09 -2.69
N PRO B 370 3.20 -11.38 -2.78
CA PRO B 370 3.95 -11.87 -3.96
C PRO B 370 3.04 -11.86 -5.18
N ARG B 371 3.65 -11.59 -6.34
CA ARG B 371 2.94 -11.70 -7.61
C ARG B 371 3.41 -12.94 -8.32
N ILE B 372 2.47 -13.72 -8.84
CA ILE B 372 2.79 -14.85 -9.68
C ILE B 372 2.38 -14.58 -11.12
N PHE B 373 3.30 -14.77 -12.07
CA PHE B 373 3.04 -14.44 -13.45
C PHE B 373 2.78 -15.65 -14.30
N ILE B 374 1.67 -15.63 -15.05
CA ILE B 374 1.23 -16.73 -15.94
C ILE B 374 1.35 -16.36 -17.43
N ARG B 375 2.08 -17.17 -18.19
CA ARG B 375 2.15 -17.02 -19.64
C ARG B 375 1.82 -18.36 -20.30
N ASN B 376 0.83 -18.36 -21.15
CA ASN B 376 0.39 -19.53 -21.85
C ASN B 376 0.04 -20.57 -20.83
N GLY B 377 -0.49 -20.14 -19.69
CA GLY B 377 -0.91 -21.04 -18.66
C GLY B 377 0.13 -21.65 -17.75
N LYS B 378 1.36 -21.20 -17.82
CA LYS B 378 2.37 -21.74 -16.97
C LYS B 378 2.97 -20.66 -16.14
N VAL B 379 3.36 -20.97 -14.91
CA VAL B 379 4.08 -19.97 -14.15
C VAL B 379 5.42 -19.76 -14.84
N VAL B 380 5.77 -18.51 -15.07
CA VAL B 380 7.08 -18.16 -15.65
C VAL B 380 7.99 -17.38 -14.68
N GLU B 381 7.36 -16.77 -13.66
CA GLU B 381 8.11 -15.91 -12.75
C GLU B 381 7.28 -15.67 -11.51
N VAL B 382 7.96 -15.62 -10.36
CA VAL B 382 7.39 -15.09 -9.09
C VAL B 382 8.24 -13.89 -8.63
N ILE B 383 7.59 -12.78 -8.31
CA ILE B 383 8.28 -11.67 -7.68
C ILE B 383 7.78 -11.47 -6.25
N ASN B 384 8.71 -11.57 -5.30
CA ASN B 384 8.38 -11.34 -3.88
C ASN B 384 9.23 -10.17 -3.41
N TYR B 385 8.67 -8.96 -3.45
CA TYR B 385 9.47 -7.81 -3.15
C TYR B 385 10.15 -7.88 -1.77
N LEU B 386 9.53 -8.58 -0.81
CA LEU B 386 10.08 -8.62 0.54
C LEU B 386 11.47 -9.32 0.50
N ASN B 387 11.64 -10.23 -0.44
CA ASN B 387 12.98 -10.82 -0.68
C ASN B 387 14.10 -9.87 -1.01
N ASP B 388 13.82 -8.79 -1.71
CA ASP B 388 14.89 -7.91 -2.16
C ASP B 388 15.39 -7.03 -1.01
N ILE B 389 14.78 -7.16 0.16
CA ILE B 389 15.18 -6.30 1.28
C ILE B 389 16.44 -6.82 1.99
#